data_9NA6
#
_entry.id   9NA6
#
_cell.length_a   86.737
_cell.length_b   141.004
_cell.length_c   110.424
_cell.angle_alpha   90.000
_cell.angle_beta   93.380
_cell.angle_gamma   90.000
#
_symmetry.space_group_name_H-M   'I 1 2 1'
#
loop_
_entity.id
_entity.type
_entity.pdbx_description
1 polymer 'Interleukin-1 receptor-associated kinase 4'
2 non-polymer (6P)-4-{[(1S)-1-cyanoethyl]amino}-6-[(8S)-3-cyanopyrrolo[1,2-b]pyridazin-7-yl]-N-[(2S)-2-fluoro-3-hydroxy-3-methylbutyl]pyridine-3-carboxamide
3 non-polymer 'SULFATE ION'
4 water water
#
_entity_poly.entity_id   1
_entity_poly.type   'polypeptide(L)'
_entity_poly.pdbx_seq_one_letter_code
;GAMVSDTRFHSFSFYELKNVTNNFDERPISVGGNKMGEGGFGVVYKGYVNNTTVAVKKLAAMVDITTEELKQQFDQEIKV
MAKCQHENLVELLGFSSDGDDLCLVYVYMPNGSLLDRLSCLDGTPPLSWHMRCKIAQGAANGINFLHENHHIHRDIKSAN
ILLDEAFTAKISDFGLARASEKFAQ(TPO)VM(TPO)(SEP)RIVGTTAYMAPEALRGEITPKSDIYSFGVVLLEIITGL
PAVDEHREPQLLLDIKEEIEDEEKTIEDYIDKKMNDADSTSVEAMYSVASQCLHEKKNKRPDIKKVQQLLQEMTAS
;
_entity_poly.pdbx_strand_id   A,B,C,D
#
loop_
_chem_comp.id
_chem_comp.type
_chem_comp.name
_chem_comp.formula
A1BWZ non-polymer (6P)-4-{[(1S)-1-cyanoethyl]amino}-6-[(8S)-3-cyanopyrrolo[1,2-b]pyridazin-7-yl]-N-[(2S)-2-fluoro-3-hydroxy-3-methylbutyl]pyridine-3-carboxamide 'C22 H22 F N7 O2'
SO4 non-polymer 'SULFATE ION' 'O4 S -2'
#
# COMPACT_ATOMS: atom_id res chain seq x y z
N ARG A 8 -19.97 -20.27 -13.78
CA ARG A 8 -20.04 -20.80 -12.42
C ARG A 8 -18.65 -20.91 -11.81
N PHE A 9 -18.36 -22.06 -11.22
CA PHE A 9 -17.06 -22.34 -10.64
C PHE A 9 -16.36 -23.42 -11.46
N HIS A 10 -15.03 -23.41 -11.42
CA HIS A 10 -14.21 -24.33 -12.19
C HIS A 10 -13.82 -25.52 -11.33
N SER A 11 -14.03 -26.72 -11.85
CA SER A 11 -13.64 -27.95 -11.17
C SER A 11 -12.21 -28.28 -11.54
N PHE A 12 -11.30 -28.16 -10.57
CA PHE A 12 -9.90 -28.48 -10.79
C PHE A 12 -9.62 -29.91 -10.37
N SER A 13 -8.65 -30.53 -11.05
CA SER A 13 -8.06 -31.75 -10.55
C SER A 13 -7.05 -31.41 -9.46
N PHE A 14 -6.95 -32.29 -8.46
CA PHE A 14 -6.11 -31.99 -7.30
C PHE A 14 -4.64 -31.82 -7.71
N TYR A 15 -4.18 -32.58 -8.70
CA TYR A 15 -2.79 -32.47 -9.12
C TYR A 15 -2.49 -31.10 -9.74
N GLU A 16 -3.49 -30.47 -10.38
CA GLU A 16 -3.28 -29.13 -10.92
C GLU A 16 -3.01 -28.12 -9.81
N LEU A 17 -3.82 -28.16 -8.75
CA LEU A 17 -3.59 -27.28 -7.61
C LEU A 17 -2.30 -27.66 -6.88
N LYS A 18 -1.89 -28.93 -7.00
CA LYS A 18 -0.58 -29.33 -6.49
C LYS A 18 0.54 -28.60 -7.23
N ASN A 19 0.41 -28.47 -8.55
CA ASN A 19 1.45 -27.81 -9.33
C ASN A 19 1.48 -26.31 -9.06
N VAL A 20 0.32 -25.66 -9.04
CA VAL A 20 0.29 -24.22 -8.88
C VAL A 20 0.74 -23.78 -7.49
N THR A 21 0.67 -24.66 -6.50
CA THR A 21 1.10 -24.35 -5.14
C THR A 21 2.48 -24.90 -4.82
N ASN A 22 3.20 -25.42 -5.82
CA ASN A 22 4.53 -25.99 -5.64
C ASN A 22 4.53 -27.04 -4.53
N ASN A 23 3.64 -28.03 -4.68
CA ASN A 23 3.48 -29.11 -3.70
C ASN A 23 3.11 -28.55 -2.32
N PHE A 24 2.29 -27.51 -2.32
CA PHE A 24 1.83 -26.86 -1.09
C PHE A 24 3.01 -26.53 -0.18
N ASP A 25 3.95 -25.77 -0.73
CA ASP A 25 5.15 -25.38 -0.01
C ASP A 25 4.77 -24.62 1.26
N GLU A 26 5.11 -25.19 2.42
CA GLU A 26 4.74 -24.61 3.69
C GLU A 26 5.66 -23.47 4.12
N ARG A 27 6.69 -23.17 3.34
CA ARG A 27 7.51 -22.00 3.63
C ARG A 27 6.70 -20.73 3.34
N PRO A 28 6.97 -19.64 4.06
CA PRO A 28 6.18 -18.43 3.86
C PRO A 28 6.43 -17.80 2.50
N ILE A 29 5.39 -17.13 1.99
CA ILE A 29 5.52 -16.38 0.74
C ILE A 29 6.52 -15.25 0.88
N SER A 30 6.78 -14.80 2.11
CA SER A 30 7.74 -13.72 2.33
C SER A 30 9.16 -14.11 1.98
N VAL A 31 9.45 -15.42 1.88
CA VAL A 31 10.79 -15.90 1.57
C VAL A 31 10.81 -16.78 0.33
N GLY A 32 9.74 -16.77 -0.46
CA GLY A 32 9.67 -17.55 -1.68
C GLY A 32 8.85 -18.82 -1.60
N GLY A 33 8.22 -19.09 -0.45
CA GLY A 33 7.34 -20.23 -0.33
C GLY A 33 5.95 -19.92 -0.86
N ASN A 34 4.99 -20.74 -0.44
CA ASN A 34 3.61 -20.57 -0.86
C ASN A 34 2.61 -20.41 0.29
N LYS A 35 2.98 -20.76 1.52
CA LYS A 35 2.05 -20.69 2.63
C LYS A 35 1.76 -19.24 3.00
N MET A 36 0.47 -18.88 3.02
CA MET A 36 0.03 -17.53 3.33
C MET A 36 -0.64 -17.40 4.67
N GLY A 37 -1.35 -18.42 5.14
CA GLY A 37 -2.03 -18.35 6.42
C GLY A 37 -2.50 -19.72 6.85
N GLU A 38 -3.00 -19.78 8.08
CA GLU A 38 -3.42 -21.03 8.69
C GLU A 38 -4.67 -20.80 9.50
N GLY A 39 -5.57 -21.79 9.48
CA GLY A 39 -6.77 -21.76 10.28
C GLY A 39 -7.02 -23.08 10.97
N GLY A 40 -8.17 -23.22 11.62
CA GLY A 40 -8.52 -24.49 12.24
C GLY A 40 -9.01 -25.55 11.28
N PHE A 41 -9.34 -25.17 10.05
CA PHE A 41 -9.91 -26.10 9.07
C PHE A 41 -9.06 -26.23 7.81
N GLY A 42 -7.88 -25.64 7.77
CA GLY A 42 -7.03 -25.80 6.60
C GLY A 42 -5.93 -24.76 6.56
N VAL A 43 -5.11 -24.88 5.52
CA VAL A 43 -4.00 -23.97 5.25
C VAL A 43 -4.22 -23.37 3.87
N VAL A 44 -3.91 -22.08 3.74
CA VAL A 44 -4.13 -21.33 2.50
C VAL A 44 -2.78 -21.08 1.84
N TYR A 45 -2.69 -21.37 0.55
CA TYR A 45 -1.45 -21.27 -0.21
C TYR A 45 -1.62 -20.33 -1.39
N LYS A 46 -0.52 -19.65 -1.75
CA LYS A 46 -0.49 -18.80 -2.92
C LYS A 46 -0.14 -19.63 -4.15
N GLY A 47 -0.68 -19.22 -5.30
CA GLY A 47 -0.40 -19.89 -6.56
C GLY A 47 -0.78 -19.01 -7.72
N TYR A 48 -0.46 -19.50 -8.92
CA TYR A 48 -0.80 -18.82 -10.16
C TYR A 48 -1.52 -19.82 -11.05
N VAL A 49 -2.75 -19.49 -11.44
CA VAL A 49 -3.53 -20.32 -12.34
C VAL A 49 -3.77 -19.49 -13.59
N ASN A 50 -3.02 -19.78 -14.65
CA ASN A 50 -3.24 -19.11 -15.92
C ASN A 50 -2.98 -17.61 -15.79
N ASN A 51 -1.85 -17.25 -15.19
CA ASN A 51 -1.44 -15.87 -14.88
C ASN A 51 -2.32 -15.21 -13.83
N THR A 52 -3.35 -15.88 -13.31
CA THR A 52 -4.17 -15.34 -12.25
C THR A 52 -3.61 -15.78 -10.91
N THR A 53 -3.25 -14.81 -10.07
CA THR A 53 -2.83 -15.12 -8.72
C THR A 53 -4.04 -15.60 -7.91
N VAL A 54 -3.91 -16.76 -7.27
CA VAL A 54 -5.02 -17.39 -6.58
C VAL A 54 -4.62 -17.72 -5.15
N ALA A 55 -5.64 -17.91 -4.31
CA ALA A 55 -5.49 -18.43 -2.96
C ALA A 55 -6.14 -19.81 -2.93
N VAL A 56 -5.38 -20.82 -2.55
CA VAL A 56 -5.86 -22.20 -2.52
C VAL A 56 -5.88 -22.65 -1.07
N LYS A 57 -7.08 -22.85 -0.53
CA LYS A 57 -7.25 -23.35 0.82
C LYS A 57 -7.44 -24.86 0.75
N LYS A 58 -6.48 -25.61 1.29
CA LYS A 58 -6.56 -27.06 1.37
C LYS A 58 -7.15 -27.43 2.72
N LEU A 59 -8.34 -28.01 2.73
CA LEU A 59 -9.00 -28.36 3.97
C LEU A 59 -8.27 -29.49 4.68
N ALA A 60 -8.31 -29.46 6.01
CA ALA A 60 -7.67 -30.48 6.82
C ALA A 60 -8.30 -30.55 8.22
N ILE A 65 -12.51 -32.79 14.03
CA ILE A 65 -13.58 -32.68 13.05
C ILE A 65 -13.67 -33.96 12.22
N THR A 66 -14.88 -34.38 11.91
CA THR A 66 -15.10 -35.55 11.07
C THR A 66 -14.83 -35.21 9.61
N THR A 67 -14.58 -36.25 8.81
CA THR A 67 -14.42 -36.06 7.37
C THR A 67 -15.73 -35.58 6.74
N GLU A 68 -16.85 -36.17 7.12
CA GLU A 68 -18.14 -35.72 6.61
C GLU A 68 -18.41 -34.28 7.00
N GLU A 69 -18.04 -33.89 8.22
CA GLU A 69 -18.21 -32.50 8.64
C GLU A 69 -17.40 -31.56 7.76
N LEU A 70 -16.16 -31.92 7.44
CA LEU A 70 -15.35 -31.09 6.57
C LEU A 70 -15.96 -31.00 5.17
N LYS A 71 -16.57 -32.09 4.69
CA LYS A 71 -17.30 -32.03 3.43
C LYS A 71 -18.51 -31.11 3.53
N GLN A 72 -19.15 -31.07 4.71
CA GLN A 72 -20.28 -30.18 4.90
C GLN A 72 -19.85 -28.72 4.80
N GLN A 73 -18.75 -28.36 5.46
CA GLN A 73 -18.25 -26.99 5.36
C GLN A 73 -17.70 -26.70 3.97
N PHE A 74 -17.13 -27.71 3.30
CA PHE A 74 -16.70 -27.54 1.92
C PHE A 74 -17.90 -27.28 1.01
N ASP A 75 -18.96 -28.09 1.15
CA ASP A 75 -20.15 -27.88 0.33
C ASP A 75 -20.83 -26.57 0.68
N GLN A 76 -20.85 -26.20 1.96
CA GLN A 76 -21.54 -24.98 2.37
C GLN A 76 -20.85 -23.74 1.80
N GLU A 77 -19.52 -23.71 1.83
CA GLU A 77 -18.80 -22.56 1.30
C GLU A 77 -19.10 -22.36 -0.18
N ILE A 78 -19.15 -23.45 -0.95
CA ILE A 78 -19.46 -23.35 -2.37
C ILE A 78 -20.89 -22.83 -2.57
N LYS A 79 -21.84 -23.34 -1.79
CA LYS A 79 -23.23 -22.96 -1.96
C LYS A 79 -23.46 -21.49 -1.60
N VAL A 80 -22.77 -21.00 -0.57
CA VAL A 80 -22.91 -19.60 -0.20
C VAL A 80 -22.21 -18.71 -1.22
N MET A 81 -21.04 -19.14 -1.70
CA MET A 81 -20.30 -18.33 -2.66
C MET A 81 -20.98 -18.31 -4.02
N ALA A 82 -21.79 -19.32 -4.33
CA ALA A 82 -22.46 -19.36 -5.61
C ALA A 82 -23.56 -18.30 -5.70
N LYS A 83 -24.10 -17.89 -4.55
CA LYS A 83 -25.23 -16.96 -4.52
C LYS A 83 -24.85 -15.56 -4.03
N CYS A 84 -23.77 -15.41 -3.29
CA CYS A 84 -23.40 -14.14 -2.66
C CYS A 84 -22.16 -13.59 -3.34
N GLN A 85 -22.36 -12.68 -4.29
CA GLN A 85 -21.28 -11.98 -4.97
C GLN A 85 -21.39 -10.49 -4.64
N HIS A 86 -20.33 -9.93 -4.07
CA HIS A 86 -20.34 -8.56 -3.58
C HIS A 86 -18.90 -8.10 -3.43
N GLU A 87 -18.70 -6.79 -3.59
CA GLU A 87 -17.34 -6.24 -3.56
C GLU A 87 -16.70 -6.37 -2.19
N ASN A 88 -17.48 -6.59 -1.13
CA ASN A 88 -16.96 -6.77 0.22
C ASN A 88 -17.01 -8.23 0.66
N LEU A 89 -17.07 -9.16 -0.29
CA LEU A 89 -16.91 -10.58 -0.04
C LEU A 89 -15.84 -11.12 -0.99
N VAL A 90 -15.08 -12.10 -0.50
CA VAL A 90 -14.10 -12.74 -1.39
C VAL A 90 -14.84 -13.49 -2.50
N GLU A 91 -14.10 -13.81 -3.55
CA GLU A 91 -14.67 -14.48 -4.72
C GLU A 91 -14.06 -15.86 -4.86
N LEU A 92 -14.93 -16.87 -5.04
CA LEU A 92 -14.49 -18.23 -5.26
C LEU A 92 -14.34 -18.48 -6.76
N LEU A 93 -13.17 -18.94 -7.17
CA LEU A 93 -12.90 -19.24 -8.57
C LEU A 93 -13.17 -20.70 -8.91
N GLY A 94 -12.90 -21.60 -7.97
CA GLY A 94 -13.10 -23.01 -8.25
C GLY A 94 -12.78 -23.85 -7.03
N PHE A 95 -12.62 -25.15 -7.28
CA PHE A 95 -12.43 -26.11 -6.20
C PHE A 95 -11.92 -27.42 -6.80
N SER A 96 -11.47 -28.31 -5.91
CA SER A 96 -11.09 -29.65 -6.29
C SER A 96 -11.64 -30.61 -5.24
N SER A 97 -12.32 -31.68 -5.70
CA SER A 97 -12.94 -32.63 -4.81
C SER A 97 -12.49 -34.06 -5.04
N ASP A 98 -11.70 -34.34 -6.07
CA ASP A 98 -11.24 -35.70 -6.33
C ASP A 98 -10.27 -36.14 -5.24
N GLY A 99 -10.33 -37.42 -4.90
CA GLY A 99 -9.53 -37.95 -3.82
C GLY A 99 -10.08 -37.57 -2.46
N ASP A 100 -9.25 -37.78 -1.44
CA ASP A 100 -9.61 -37.45 -0.07
C ASP A 100 -9.24 -36.02 0.32
N ASP A 101 -8.75 -35.22 -0.63
CA ASP A 101 -8.32 -33.86 -0.36
C ASP A 101 -9.34 -32.89 -0.95
N LEU A 102 -9.75 -31.91 -0.15
CA LEU A 102 -10.69 -30.88 -0.57
C LEU A 102 -9.96 -29.54 -0.65
N CYS A 103 -10.18 -28.82 -1.76
CA CYS A 103 -9.50 -27.57 -2.00
C CYS A 103 -10.50 -26.55 -2.53
N LEU A 104 -10.28 -25.28 -2.19
CA LEU A 104 -11.08 -24.17 -2.66
C LEU A 104 -10.16 -23.09 -3.20
N VAL A 105 -10.46 -22.59 -4.39
CA VAL A 105 -9.60 -21.65 -5.10
C VAL A 105 -10.30 -20.29 -5.15
N TYR A 106 -9.63 -19.26 -4.63
CA TYR A 106 -10.18 -17.91 -4.57
C TYR A 106 -9.28 -16.94 -5.33
N VAL A 107 -9.83 -15.76 -5.60
CA VAL A 107 -9.01 -14.65 -6.09
C VAL A 107 -8.08 -14.20 -4.96
N TYR A 108 -6.80 -14.11 -5.27
CA TYR A 108 -5.78 -13.81 -4.26
C TYR A 108 -5.93 -12.39 -3.74
N MET A 109 -5.71 -12.22 -2.44
CA MET A 109 -5.87 -10.92 -1.79
C MET A 109 -4.50 -10.32 -1.52
N PRO A 110 -4.12 -9.25 -2.22
CA PRO A 110 -2.73 -8.78 -2.12
C PRO A 110 -2.30 -8.30 -0.75
N ASN A 111 -3.24 -7.94 0.14
CA ASN A 111 -2.88 -7.40 1.44
C ASN A 111 -3.28 -8.32 2.60
N GLY A 112 -3.62 -9.57 2.30
CA GLY A 112 -3.83 -10.57 3.34
C GLY A 112 -5.00 -10.23 4.24
N SER A 113 -4.88 -10.61 5.50
CA SER A 113 -5.94 -10.46 6.50
C SER A 113 -5.75 -9.18 7.30
N LEU A 114 -6.87 -8.66 7.80
CA LEU A 114 -6.83 -7.51 8.69
C LEU A 114 -6.02 -7.82 9.96
N LEU A 115 -6.15 -9.04 10.47
CA LEU A 115 -5.37 -9.47 11.63
C LEU A 115 -3.87 -9.30 11.37
N ASP A 116 -3.40 -9.78 10.23
CA ASP A 116 -1.98 -9.72 9.92
C ASP A 116 -1.51 -8.30 9.67
N ARG A 117 -2.38 -7.44 9.12
CA ARG A 117 -1.98 -6.06 8.88
C ARG A 117 -2.05 -5.22 10.14
N LEU A 118 -2.95 -5.55 11.07
CA LEU A 118 -2.95 -4.89 12.37
C LEU A 118 -1.69 -5.24 13.17
N SER A 119 -1.17 -6.45 12.99
CA SER A 119 0.06 -6.88 13.63
C SER A 119 1.30 -6.55 12.82
N CYS A 120 1.13 -6.01 11.62
CA CYS A 120 2.25 -5.65 10.73
C CYS A 120 3.11 -6.87 10.42
N LEU A 121 2.46 -8.01 10.22
CA LEU A 121 3.17 -9.24 9.90
C LEU A 121 3.92 -9.10 8.58
N ASP A 122 5.14 -9.63 8.54
CA ASP A 122 6.04 -9.60 7.38
C ASP A 122 6.50 -8.19 7.03
N GLY A 123 6.39 -7.25 7.96
CA GLY A 123 6.93 -5.91 7.76
C GLY A 123 6.03 -4.93 7.04
N THR A 124 4.74 -5.22 6.91
CA THR A 124 3.84 -4.27 6.30
C THR A 124 3.67 -3.06 7.22
N PRO A 125 3.47 -1.87 6.65
CA PRO A 125 3.42 -0.67 7.49
C PRO A 125 2.13 -0.64 8.28
N PRO A 126 2.13 0.02 9.44
CA PRO A 126 0.90 0.11 10.24
C PRO A 126 -0.21 0.82 9.48
N LEU A 127 -1.43 0.33 9.64
CA LEU A 127 -2.58 0.93 8.99
C LEU A 127 -2.91 2.28 9.61
N SER A 128 -3.18 3.27 8.76
CA SER A 128 -3.65 4.54 9.25
C SER A 128 -5.06 4.40 9.82
N TRP A 129 -5.41 5.33 10.71
CA TRP A 129 -6.76 5.35 11.25
C TRP A 129 -7.79 5.60 10.16
N HIS A 130 -7.46 6.46 9.19
CA HIS A 130 -8.37 6.72 8.08
C HIS A 130 -8.66 5.45 7.30
N MET A 131 -7.63 4.63 7.05
CA MET A 131 -7.85 3.38 6.35
C MET A 131 -8.54 2.34 7.24
N ARG A 132 -8.28 2.38 8.54
CA ARG A 132 -8.98 1.48 9.46
C ARG A 132 -10.48 1.78 9.47
N CYS A 133 -10.84 3.05 9.37
CA CYS A 133 -12.26 3.41 9.31
C CYS A 133 -12.90 2.88 8.03
N LYS A 134 -12.23 3.02 6.90
CA LYS A 134 -12.78 2.53 5.64
C LYS A 134 -12.86 1.01 5.61
N ILE A 135 -11.90 0.32 6.25
CA ILE A 135 -11.95 -1.13 6.33
C ILE A 135 -13.13 -1.59 7.16
N ALA A 136 -13.36 -0.94 8.30
CA ALA A 136 -14.50 -1.30 9.14
C ALA A 136 -15.82 -1.07 8.41
N GLN A 137 -15.91 0.02 7.65
CA GLN A 137 -17.12 0.27 6.87
C GLN A 137 -17.32 -0.79 5.80
N GLY A 138 -16.25 -1.17 5.11
CA GLY A 138 -16.37 -2.21 4.09
C GLY A 138 -16.77 -3.55 4.68
N ALA A 139 -16.18 -3.91 5.83
CA ALA A 139 -16.57 -5.15 6.50
C ALA A 139 -18.03 -5.11 6.92
N ALA A 140 -18.51 -3.94 7.37
CA ALA A 140 -19.91 -3.82 7.74
C ALA A 140 -20.82 -3.98 6.52
N ASN A 141 -20.42 -3.43 5.38
CA ASN A 141 -21.21 -3.59 4.17
C ASN A 141 -21.24 -5.04 3.71
N GLY A 142 -20.14 -5.78 3.95
CA GLY A 142 -20.14 -7.20 3.62
C GLY A 142 -21.07 -7.99 4.53
N ILE A 143 -21.02 -7.73 5.84
CA ILE A 143 -21.92 -8.41 6.76
C ILE A 143 -23.38 -8.07 6.42
N ASN A 144 -23.61 -6.83 6.00
CA ASN A 144 -24.97 -6.42 5.65
C ASN A 144 -25.48 -7.21 4.45
N PHE A 145 -24.64 -7.42 3.44
CA PHE A 145 -25.06 -8.16 2.26
C PHE A 145 -25.40 -9.61 2.62
N LEU A 146 -24.61 -10.23 3.50
CA LEU A 146 -24.91 -11.59 3.92
C LEU A 146 -26.19 -11.65 4.74
N HIS A 147 -26.37 -10.71 5.67
CA HIS A 147 -27.61 -10.66 6.45
C HIS A 147 -28.79 -10.29 5.58
N GLU A 148 -28.58 -9.44 4.56
CA GLU A 148 -29.66 -9.11 3.64
C GLU A 148 -30.11 -10.32 2.85
N ASN A 149 -29.24 -11.31 2.67
CA ASN A 149 -29.57 -12.55 1.97
C ASN A 149 -29.71 -13.72 2.94
N HIS A 150 -29.96 -13.43 4.22
CA HIS A 150 -30.33 -14.44 5.22
C HIS A 150 -29.23 -15.50 5.39
N HIS A 151 -28.03 -15.02 5.71
CA HIS A 151 -26.89 -15.89 5.99
C HIS A 151 -26.21 -15.42 7.25
N ILE A 152 -25.94 -16.36 8.16
CA ILE A 152 -25.21 -16.08 9.39
C ILE A 152 -23.79 -16.59 9.22
N HIS A 153 -22.80 -15.71 9.41
CA HIS A 153 -21.42 -16.07 9.13
C HIS A 153 -20.89 -17.07 10.15
N ARG A 154 -21.09 -16.80 11.43
CA ARG A 154 -20.74 -17.65 12.57
C ARG A 154 -19.24 -17.70 12.86
N ASP A 155 -18.43 -16.89 12.20
CA ASP A 155 -16.99 -16.86 12.48
C ASP A 155 -16.40 -15.52 12.09
N ILE A 156 -17.08 -14.44 12.45
CA ILE A 156 -16.57 -13.10 12.15
C ILE A 156 -15.35 -12.81 13.03
N LYS A 157 -14.22 -12.54 12.38
CA LYS A 157 -13.01 -12.16 13.09
C LYS A 157 -12.07 -11.48 12.10
N SER A 158 -11.06 -10.79 12.63
CA SER A 158 -10.15 -10.03 11.78
C SER A 158 -9.38 -10.93 10.83
N ALA A 159 -9.10 -12.17 11.24
CA ALA A 159 -8.45 -13.12 10.34
C ALA A 159 -9.32 -13.44 9.14
N ASN A 160 -10.64 -13.33 9.29
CA ASN A 160 -11.58 -13.61 8.21
C ASN A 160 -12.03 -12.35 7.47
N ILE A 161 -11.38 -11.22 7.72
CA ILE A 161 -11.58 -10.01 6.95
C ILE A 161 -10.30 -9.78 6.15
N LEU A 162 -10.38 -9.92 4.82
CA LEU A 162 -9.22 -9.80 3.96
C LEU A 162 -9.22 -8.45 3.25
N LEU A 163 -8.10 -8.15 2.60
CA LEU A 163 -7.84 -6.83 2.04
C LEU A 163 -7.22 -6.96 0.66
N ASP A 164 -7.81 -6.27 -0.33
CA ASP A 164 -7.31 -6.35 -1.70
C ASP A 164 -6.21 -5.30 -1.90
N GLU A 165 -5.89 -4.97 -3.15
CA GLU A 165 -4.78 -4.08 -3.43
C GLU A 165 -5.02 -2.68 -2.88
N ALA A 166 -6.27 -2.22 -2.90
CA ALA A 166 -6.64 -0.91 -2.37
C ALA A 166 -7.17 -0.99 -0.95
N PHE A 167 -6.89 -2.09 -0.25
CA PHE A 167 -7.32 -2.31 1.13
C PHE A 167 -8.84 -2.33 1.27
N THR A 168 -9.52 -2.78 0.21
CA THR A 168 -10.96 -3.00 0.31
C THR A 168 -11.23 -4.25 1.14
N ALA A 169 -12.10 -4.13 2.13
CA ALA A 169 -12.37 -5.21 3.06
C ALA A 169 -13.27 -6.26 2.44
N LYS A 170 -12.87 -7.53 2.55
CA LYS A 170 -13.63 -8.64 1.99
C LYS A 170 -13.74 -9.75 3.04
N ILE A 171 -14.97 -10.13 3.36
CA ILE A 171 -15.23 -11.21 4.31
C ILE A 171 -14.96 -12.54 3.63
N SER A 172 -14.44 -13.50 4.39
CA SER A 172 -14.08 -14.81 3.86
C SER A 172 -14.50 -15.89 4.83
N ASP A 173 -14.26 -17.15 4.43
CA ASP A 173 -14.52 -18.33 5.26
C ASP A 173 -15.99 -18.46 5.61
N PHE A 174 -16.77 -19.01 4.67
CA PHE A 174 -18.20 -19.23 4.88
C PHE A 174 -18.53 -20.71 5.10
N GLY A 175 -17.54 -21.51 5.52
CA GLY A 175 -17.77 -22.93 5.71
C GLY A 175 -18.71 -23.23 6.87
N LEU A 176 -18.80 -22.30 7.83
CA LEU A 176 -19.65 -22.48 9.00
C LEU A 176 -20.95 -21.68 8.89
N ALA A 177 -21.25 -21.14 7.71
CA ALA A 177 -22.41 -20.26 7.57
C ALA A 177 -23.71 -21.04 7.66
N ARG A 178 -24.76 -20.34 8.09
CA ARG A 178 -26.10 -20.90 8.20
C ARG A 178 -27.12 -19.87 7.73
N ALA A 179 -28.31 -20.35 7.39
CA ALA A 179 -29.39 -19.49 6.93
C ALA A 179 -30.38 -19.20 8.05
N TPO A 186 -35.39 -18.69 17.42
CA TPO A 186 -33.96 -18.81 17.12
CB TPO A 186 -33.16 -17.71 17.90
CG2 TPO A 186 -31.80 -18.16 18.40
OG1 TPO A 186 -33.02 -16.66 16.92
P TPO A 186 -32.85 -15.17 17.55
O1P TPO A 186 -31.61 -15.06 18.36
O2P TPO A 186 -32.67 -14.17 16.31
O3P TPO A 186 -34.07 -14.68 18.45
C TPO A 186 -33.47 -20.24 17.46
O TPO A 186 -34.03 -20.91 18.32
N VAL A 187 -32.43 -20.70 16.76
CA VAL A 187 -32.10 -22.11 16.62
C VAL A 187 -30.94 -22.52 17.54
N MET A 188 -30.87 -23.82 17.87
CA MET A 188 -29.74 -24.37 18.62
C MET A 188 -29.00 -25.45 17.82
N TPO A 189 -27.76 -25.72 18.22
CA TPO A 189 -26.98 -26.82 17.64
CB TPO A 189 -26.01 -26.29 16.59
CG2 TPO A 189 -25.23 -25.10 17.13
OG1 TPO A 189 -25.08 -27.34 16.27
P TPO A 189 -25.49 -27.94 14.83
O1P TPO A 189 -24.32 -27.90 13.93
O2P TPO A 189 -26.68 -27.06 14.20
O3P TPO A 189 -25.99 -29.47 15.01
C TPO A 189 -26.23 -27.61 18.70
O TPO A 189 -26.01 -27.11 19.81
N SEP A 190 -25.83 -28.82 18.37
CA SEP A 190 -25.14 -29.71 19.29
CB SEP A 190 -25.59 -31.16 19.08
OG SEP A 190 -25.22 -31.61 17.79
C SEP A 190 -23.63 -29.61 19.15
O SEP A 190 -22.88 -30.14 19.98
P SEP A 190 -26.39 -32.52 17.16
O1P SEP A 190 -27.73 -31.63 17.00
O2P SEP A 190 -25.93 -33.06 15.72
O3P SEP A 190 -26.68 -33.77 18.14
N ARG A 191 -23.18 -28.92 18.10
CA ARG A 191 -21.75 -28.77 17.83
C ARG A 191 -21.38 -27.29 17.79
N ILE A 192 -20.83 -26.79 18.89
CA ILE A 192 -20.47 -25.38 19.00
C ILE A 192 -19.14 -25.15 18.28
N VAL A 193 -19.15 -24.25 17.31
CA VAL A 193 -17.97 -23.97 16.49
C VAL A 193 -17.76 -22.47 16.40
N GLY A 194 -16.51 -22.10 16.13
CA GLY A 194 -16.10 -20.72 16.02
C GLY A 194 -14.87 -20.44 16.86
N THR A 195 -14.41 -19.20 16.79
CA THR A 195 -13.25 -18.75 17.55
C THR A 195 -13.73 -18.14 18.86
N THR A 196 -13.32 -18.74 19.98
CA THR A 196 -13.90 -18.39 21.27
C THR A 196 -13.64 -16.94 21.66
N ALA A 197 -12.49 -16.39 21.28
CA ALA A 197 -12.15 -15.02 21.65
C ALA A 197 -13.10 -13.99 21.04
N TYR A 198 -13.82 -14.35 19.97
CA TYR A 198 -14.73 -13.43 19.31
C TYR A 198 -16.20 -13.76 19.55
N MET A 199 -16.50 -14.94 20.06
CA MET A 199 -17.88 -15.44 20.06
C MET A 199 -18.74 -14.75 21.11
N ALA A 200 -19.99 -14.48 20.74
CA ALA A 200 -20.97 -13.98 21.69
C ALA A 200 -21.26 -15.04 22.75
N PRO A 201 -21.76 -14.63 23.92
CA PRO A 201 -22.10 -15.63 24.95
C PRO A 201 -23.10 -16.66 24.46
N GLU A 202 -24.11 -16.24 23.69
CA GLU A 202 -25.11 -17.19 23.21
C GLU A 202 -24.52 -18.18 22.22
N ALA A 203 -23.53 -17.76 21.42
CA ALA A 203 -22.92 -18.66 20.45
C ALA A 203 -22.04 -19.70 21.14
N LEU A 204 -21.43 -19.34 22.27
CA LEU A 204 -20.66 -20.29 23.05
C LEU A 204 -21.53 -21.35 23.71
N ARG A 205 -22.85 -21.13 23.77
CA ARG A 205 -23.78 -22.08 24.36
C ARG A 205 -24.51 -22.93 23.34
N GLY A 206 -24.56 -22.49 22.07
CA GLY A 206 -25.16 -23.28 21.02
C GLY A 206 -26.15 -22.54 20.14
N GLU A 207 -26.43 -21.29 20.46
CA GLU A 207 -27.40 -20.52 19.68
C GLU A 207 -26.79 -20.08 18.35
N ILE A 208 -27.59 -20.19 17.29
CA ILE A 208 -27.22 -19.70 15.97
C ILE A 208 -28.14 -18.54 15.63
N THR A 209 -27.57 -17.35 15.49
CA THR A 209 -28.38 -16.15 15.31
C THR A 209 -27.52 -15.05 14.71
N PRO A 210 -28.10 -14.17 13.89
CA PRO A 210 -27.31 -13.08 13.30
C PRO A 210 -26.78 -12.09 14.31
N LYS A 211 -27.39 -11.98 15.50
CA LYS A 211 -26.88 -11.05 16.50
C LYS A 211 -25.50 -11.45 16.99
N SER A 212 -25.15 -12.74 16.89
CA SER A 212 -23.81 -13.17 17.28
C SER A 212 -22.76 -12.59 16.34
N ASP A 213 -23.08 -12.46 15.05
CA ASP A 213 -22.17 -11.82 14.11
C ASP A 213 -21.89 -10.38 14.51
N ILE A 214 -22.92 -9.67 14.98
CA ILE A 214 -22.74 -8.29 15.40
C ILE A 214 -21.81 -8.20 16.60
N TYR A 215 -21.95 -9.12 17.54
CA TYR A 215 -21.07 -9.13 18.71
C TYR A 215 -19.62 -9.37 18.30
N SER A 216 -19.39 -10.30 17.37
CA SER A 216 -18.03 -10.56 16.90
C SER A 216 -17.45 -9.36 16.17
N PHE A 217 -18.30 -8.63 15.42
CA PHE A 217 -17.82 -7.43 14.76
C PHE A 217 -17.39 -6.37 15.76
N GLY A 218 -18.07 -6.30 16.92
CA GLY A 218 -17.64 -5.38 17.96
C GLY A 218 -16.24 -5.68 18.48
N VAL A 219 -15.87 -6.96 18.53
CA VAL A 219 -14.52 -7.31 18.92
C VAL A 219 -13.53 -6.86 17.86
N VAL A 220 -13.89 -7.00 16.58
CA VAL A 220 -13.03 -6.54 15.49
C VAL A 220 -12.80 -5.04 15.59
N LEU A 221 -13.86 -4.28 15.88
CA LEU A 221 -13.71 -2.84 16.07
C LEU A 221 -12.74 -2.54 17.21
N LEU A 222 -12.79 -3.34 18.27
CA LEU A 222 -11.80 -3.20 19.35
C LEU A 222 -10.39 -3.52 18.85
N GLU A 223 -10.27 -4.54 18.00
CA GLU A 223 -8.97 -4.87 17.43
C GLU A 223 -8.47 -3.73 16.55
N ILE A 224 -9.39 -3.11 15.80
CA ILE A 224 -9.01 -2.01 14.91
C ILE A 224 -8.56 -0.80 15.72
N ILE A 225 -9.29 -0.48 16.79
CA ILE A 225 -8.94 0.68 17.62
C ILE A 225 -7.59 0.46 18.29
N THR A 226 -7.40 -0.72 18.88
CA THR A 226 -6.25 -0.95 19.76
C THR A 226 -5.06 -1.57 19.04
N GLY A 227 -5.28 -2.29 17.94
CA GLY A 227 -4.22 -3.05 17.33
C GLY A 227 -3.83 -4.31 18.07
N LEU A 228 -4.50 -4.62 19.19
CA LEU A 228 -4.28 -5.84 19.94
C LEU A 228 -5.19 -6.96 19.43
N PRO A 229 -4.67 -8.17 19.29
CA PRO A 229 -5.53 -9.29 18.89
C PRO A 229 -6.52 -9.64 19.99
N ALA A 230 -7.63 -10.27 19.58
CA ALA A 230 -8.71 -10.58 20.51
C ALA A 230 -8.24 -11.48 21.64
N VAL A 231 -7.26 -12.35 21.38
CA VAL A 231 -6.65 -13.18 22.41
C VAL A 231 -5.14 -13.10 22.25
N ASP A 232 -4.45 -12.96 23.38
CA ASP A 232 -2.99 -13.01 23.42
C ASP A 232 -2.62 -13.73 24.72
N GLU A 233 -2.04 -14.94 24.58
CA GLU A 233 -1.72 -15.74 25.75
C GLU A 233 -0.72 -15.03 26.66
N HIS A 234 0.31 -14.43 26.07
CA HIS A 234 1.36 -13.76 26.83
C HIS A 234 0.99 -12.35 27.25
N ARG A 235 -0.31 -12.01 27.24
CA ARG A 235 -0.79 -10.68 27.59
C ARG A 235 -1.68 -10.76 28.83
N GLU A 236 -1.73 -9.66 29.57
CA GLU A 236 -2.65 -9.51 30.68
C GLU A 236 -3.37 -8.17 30.53
N PRO A 237 -4.69 -8.15 30.29
CA PRO A 237 -5.62 -9.31 30.18
C PRO A 237 -5.40 -10.16 28.93
N GLN A 238 -5.68 -11.46 29.06
CA GLN A 238 -5.51 -12.37 27.93
C GLN A 238 -6.52 -12.08 26.82
N LEU A 239 -7.74 -11.73 27.20
CA LEU A 239 -8.84 -11.52 26.26
C LEU A 239 -9.12 -10.03 26.12
N LEU A 240 -9.24 -9.57 24.86
CA LEU A 240 -9.49 -8.16 24.61
C LEU A 240 -10.81 -7.70 25.21
N LEU A 241 -11.78 -8.62 25.37
CA LEU A 241 -13.06 -8.25 25.96
C LEU A 241 -12.90 -7.83 27.41
N ASP A 242 -11.95 -8.41 28.14
CA ASP A 242 -11.69 -7.99 29.51
C ASP A 242 -11.19 -6.56 29.60
N ILE A 243 -10.59 -6.04 28.53
CA ILE A 243 -10.12 -4.65 28.53
C ILE A 243 -11.30 -3.70 28.39
N LYS A 244 -12.32 -4.09 27.62
CA LYS A 244 -13.53 -3.27 27.53
C LYS A 244 -14.18 -3.11 28.90
N GLU A 245 -14.21 -4.17 29.69
CA GLU A 245 -14.79 -4.10 31.02
C GLU A 245 -14.05 -3.10 31.91
N GLU A 246 -12.72 -3.03 31.75
CA GLU A 246 -11.94 -2.03 32.49
C GLU A 246 -12.31 -0.62 32.08
N ILE A 247 -12.78 -0.44 30.84
CA ILE A 247 -13.17 0.89 30.38
C ILE A 247 -14.57 1.25 30.85
N GLU A 248 -15.48 0.27 30.88
CA GLU A 248 -16.82 0.52 31.40
C GLU A 248 -16.79 0.96 32.85
N ASP A 249 -15.99 0.27 33.68
CA ASP A 249 -15.86 0.59 35.09
C ASP A 249 -15.00 1.82 35.35
N GLU A 250 -14.61 2.55 34.30
CA GLU A 250 -13.85 3.79 34.39
C GLU A 250 -12.48 3.60 35.06
N GLU A 251 -12.03 2.35 35.19
CA GLU A 251 -10.67 2.11 35.64
C GLU A 251 -9.65 2.40 34.54
N LYS A 252 -10.07 2.37 33.28
CA LYS A 252 -9.28 2.82 32.15
C LYS A 252 -10.19 3.55 31.19
N THR A 253 -9.61 4.12 30.15
CA THR A 253 -10.36 4.74 29.07
C THR A 253 -9.86 4.21 27.73
N ILE A 254 -10.65 4.42 26.68
CA ILE A 254 -10.27 3.93 25.37
C ILE A 254 -9.02 4.62 24.84
N GLU A 255 -8.71 5.83 25.33
CA GLU A 255 -7.50 6.52 24.90
C GLU A 255 -6.25 5.83 25.42
N ASP A 256 -6.34 5.13 26.55
CA ASP A 256 -5.19 4.40 27.07
C ASP A 256 -4.82 3.20 26.22
N TYR A 257 -5.75 2.72 25.39
CA TYR A 257 -5.52 1.53 24.58
C TYR A 257 -5.48 1.81 23.09
N ILE A 258 -5.59 3.08 22.67
CA ILE A 258 -5.51 3.40 21.26
C ILE A 258 -4.17 2.93 20.70
N ASP A 259 -4.22 2.29 19.53
CA ASP A 259 -3.01 1.82 18.86
C ASP A 259 -2.01 2.96 18.70
N LYS A 260 -0.84 2.79 19.30
CA LYS A 260 0.22 3.80 19.22
C LYS A 260 0.93 3.82 17.88
N LYS A 261 0.71 2.79 17.04
CA LYS A 261 1.28 2.74 15.69
C LYS A 261 0.47 3.55 14.69
N MET A 262 -0.21 4.60 15.14
CA MET A 262 -0.94 5.51 14.28
C MET A 262 -0.53 6.94 14.61
N ASN A 263 -0.75 7.84 13.64
CA ASN A 263 -0.50 9.25 13.85
C ASN A 263 -1.64 10.14 13.39
N ASP A 264 -2.73 9.56 12.87
CA ASP A 264 -3.86 10.32 12.35
C ASP A 264 -5.14 10.03 13.10
N ALA A 265 -5.06 9.48 14.31
CA ALA A 265 -6.24 9.10 15.09
C ALA A 265 -6.66 10.26 15.97
N ASP A 266 -7.81 10.86 15.67
CA ASP A 266 -8.40 11.87 16.52
C ASP A 266 -9.33 11.20 17.54
N SER A 267 -9.39 11.78 18.73
CA SER A 267 -10.13 11.16 19.83
C SER A 267 -11.62 11.09 19.55
N THR A 268 -12.16 12.02 18.77
CA THR A 268 -13.60 12.04 18.51
C THR A 268 -14.01 10.86 17.64
N SER A 269 -13.29 10.61 16.56
CA SER A 269 -13.63 9.47 15.70
C SER A 269 -13.34 8.15 16.39
N VAL A 270 -12.30 8.08 17.22
CA VAL A 270 -11.98 6.85 17.93
C VAL A 270 -13.09 6.52 18.93
N GLU A 271 -13.51 7.51 19.72
CA GLU A 271 -14.61 7.30 20.65
C GLU A 271 -15.90 6.95 19.91
N ALA A 272 -16.08 7.47 18.70
CA ALA A 272 -17.26 7.12 17.93
C ALA A 272 -17.24 5.66 17.50
N MET A 273 -16.08 5.14 17.08
CA MET A 273 -15.99 3.72 16.75
C MET A 273 -16.11 2.86 18.00
N TYR A 274 -15.58 3.32 19.13
CA TYR A 274 -15.73 2.56 20.36
C TYR A 274 -17.18 2.52 20.81
N SER A 275 -17.95 3.58 20.54
CA SER A 275 -19.37 3.57 20.87
C SER A 275 -20.10 2.50 20.06
N VAL A 276 -19.79 2.38 18.77
CA VAL A 276 -20.36 1.31 17.96
C VAL A 276 -19.93 -0.05 18.51
N ALA A 277 -18.66 -0.16 18.91
CA ALA A 277 -18.16 -1.42 19.46
C ALA A 277 -18.88 -1.80 20.75
N SER A 278 -19.04 -0.83 21.66
CA SER A 278 -19.69 -1.13 22.93
C SER A 278 -21.17 -1.46 22.73
N GLN A 279 -21.83 -0.80 21.78
CA GLN A 279 -23.20 -1.17 21.44
C GLN A 279 -23.25 -2.58 20.86
N CYS A 280 -22.30 -2.93 19.98
CA CYS A 280 -22.25 -4.26 19.42
C CYS A 280 -22.00 -5.32 20.48
N LEU A 281 -21.33 -4.96 21.57
CA LEU A 281 -20.85 -5.92 22.56
C LEU A 281 -21.80 -6.06 23.75
N HIS A 282 -23.07 -5.70 23.59
CA HIS A 282 -24.04 -5.95 24.65
C HIS A 282 -24.19 -7.45 24.87
N GLU A 283 -24.21 -7.85 26.14
CA GLU A 283 -24.35 -9.27 26.45
C GLU A 283 -25.71 -9.80 26.02
N LYS A 284 -26.76 -8.99 26.16
CA LYS A 284 -28.08 -9.37 25.70
C LYS A 284 -28.20 -9.05 24.22
N LYS A 285 -28.43 -10.10 23.41
CA LYS A 285 -28.39 -9.96 21.96
C LYS A 285 -29.40 -8.94 21.45
N ASN A 286 -30.59 -8.90 22.06
CA ASN A 286 -31.65 -8.02 21.57
C ASN A 286 -31.36 -6.55 21.84
N LYS A 287 -30.37 -6.25 22.67
CA LYS A 287 -29.93 -4.86 22.85
C LYS A 287 -28.85 -4.45 21.85
N ARG A 288 -28.24 -5.42 21.17
CA ARG A 288 -27.25 -5.09 20.16
C ARG A 288 -27.92 -4.53 18.92
N PRO A 289 -27.31 -3.57 18.23
CA PRO A 289 -27.89 -3.06 16.99
C PRO A 289 -27.75 -4.08 15.87
N ASP A 290 -28.64 -3.94 14.89
CA ASP A 290 -28.54 -4.74 13.68
C ASP A 290 -27.44 -4.15 12.77
N ILE A 291 -27.09 -4.89 11.73
CA ILE A 291 -25.94 -4.50 10.90
C ILE A 291 -26.24 -3.20 10.16
N LYS A 292 -27.50 -2.92 9.87
CA LYS A 292 -27.87 -1.68 9.20
C LYS A 292 -27.59 -0.47 10.08
N LYS A 293 -27.94 -0.56 11.36
CA LYS A 293 -27.60 0.50 12.31
C LYS A 293 -26.09 0.64 12.47
N VAL A 294 -25.38 -0.49 12.51
CA VAL A 294 -23.93 -0.46 12.60
C VAL A 294 -23.34 0.22 11.37
N GLN A 295 -23.90 -0.07 10.19
CA GLN A 295 -23.46 0.58 8.96
C GLN A 295 -23.60 2.09 9.05
N GLN A 296 -24.78 2.56 9.47
CA GLN A 296 -25.04 3.99 9.50
C GLN A 296 -24.19 4.69 10.56
N LEU A 297 -24.02 4.06 11.72
CA LEU A 297 -23.18 4.65 12.76
C LEU A 297 -21.73 4.79 12.30
N LEU A 298 -21.26 3.86 11.45
CA LEU A 298 -19.90 3.96 10.95
C LEU A 298 -19.78 5.03 9.87
N GLN A 299 -20.83 5.20 9.06
CA GLN A 299 -20.81 6.27 8.06
C GLN A 299 -20.87 7.64 8.71
N GLU A 300 -21.67 7.79 9.77
CA GLU A 300 -21.72 9.04 10.50
C GLU A 300 -20.42 9.32 11.24
N MET A 301 -19.64 8.28 11.55
CA MET A 301 -18.38 8.47 12.23
C MET A 301 -17.38 9.24 11.38
N THR A 302 -17.41 9.03 10.06
CA THR A 302 -16.49 9.69 9.16
C THR A 302 -17.07 11.01 8.64
N HIS B 10 29.81 24.97 21.38
CA HIS B 10 29.09 26.23 21.19
C HIS B 10 28.28 26.59 22.43
N SER B 11 28.34 27.86 22.82
CA SER B 11 27.63 28.35 24.00
C SER B 11 26.35 29.03 23.56
N PHE B 12 25.22 28.40 23.86
CA PHE B 12 23.92 29.02 23.65
C PHE B 12 23.49 29.77 24.90
N SER B 13 22.72 30.84 24.68
CA SER B 13 22.00 31.48 25.77
C SER B 13 20.61 30.86 25.88
N PHE B 14 20.10 30.81 27.11
CA PHE B 14 18.82 30.16 27.34
C PHE B 14 17.70 30.80 26.54
N TYR B 15 17.78 32.11 26.29
CA TYR B 15 16.73 32.78 25.53
C TYR B 15 16.70 32.32 24.09
N GLU B 16 17.86 32.00 23.50
CA GLU B 16 17.89 31.49 22.13
C GLU B 16 17.16 30.15 22.05
N LEU B 17 17.46 29.24 22.97
CA LEU B 17 16.86 27.92 22.92
C LEU B 17 15.37 27.96 23.24
N LYS B 18 14.94 28.91 24.08
CA LYS B 18 13.51 29.10 24.32
C LYS B 18 12.79 29.43 23.01
N ASN B 19 13.32 30.39 22.25
CA ASN B 19 12.66 30.83 21.04
C ASN B 19 12.55 29.72 20.01
N VAL B 20 13.67 29.03 19.74
CA VAL B 20 13.70 27.99 18.71
C VAL B 20 12.94 26.73 19.11
N THR B 21 12.51 26.62 20.37
CA THR B 21 11.70 25.50 20.83
C THR B 21 10.25 25.90 21.10
N ASN B 22 9.83 27.07 20.61
CA ASN B 22 8.51 27.62 20.89
C ASN B 22 8.28 27.73 22.39
N ASN B 23 9.27 28.32 23.08
CA ASN B 23 9.28 28.43 24.54
C ASN B 23 9.13 27.05 25.20
N PHE B 24 9.86 26.07 24.65
CA PHE B 24 9.85 24.71 25.15
C PHE B 24 8.43 24.14 25.22
N ASP B 25 7.80 24.09 24.05
CA ASP B 25 6.45 23.56 23.94
C ASP B 25 6.43 22.08 24.31
N GLU B 26 5.71 21.75 25.38
CA GLU B 26 5.73 20.41 25.96
C GLU B 26 4.63 19.50 25.41
N ARG B 27 4.26 19.64 24.14
CA ARG B 27 3.28 18.75 23.55
C ARG B 27 3.86 18.07 22.31
N PRO B 28 3.41 16.84 22.00
CA PRO B 28 3.89 16.12 20.81
C PRO B 28 3.68 16.89 19.51
N GLY B 33 3.61 20.95 18.00
CA GLY B 33 4.26 20.55 19.22
C GLY B 33 5.76 20.41 19.10
N ASN B 34 6.46 20.40 20.24
CA ASN B 34 7.91 20.35 20.24
C ASN B 34 8.51 19.22 21.07
N LYS B 35 7.75 18.57 21.94
CA LYS B 35 8.31 17.52 22.77
C LYS B 35 8.52 16.25 21.94
N MET B 36 9.74 15.72 22.00
CA MET B 36 10.06 14.46 21.33
C MET B 36 10.25 13.30 22.31
N GLY B 37 10.38 13.57 23.60
CA GLY B 37 10.59 12.53 24.59
C GLY B 37 11.06 13.08 25.91
N GLU B 38 10.95 12.27 26.97
CA GLU B 38 11.42 12.67 28.29
C GLU B 38 12.18 11.52 28.92
N GLY B 39 12.84 11.83 30.04
CA GLY B 39 13.49 10.83 30.86
C GLY B 39 13.57 11.34 32.28
N GLY B 40 14.37 10.68 33.12
CA GLY B 40 14.58 11.19 34.46
C GLY B 40 15.42 12.46 34.49
N PHE B 41 16.29 12.63 33.49
CA PHE B 41 17.25 13.72 33.47
C PHE B 41 16.77 14.92 32.65
N GLY B 42 15.51 14.93 32.21
CA GLY B 42 14.96 16.09 31.55
C GLY B 42 14.10 15.69 30.36
N VAL B 43 13.72 16.71 29.58
CA VAL B 43 12.85 16.55 28.42
C VAL B 43 13.59 17.04 27.18
N VAL B 44 13.47 16.29 26.09
CA VAL B 44 14.11 16.63 24.82
C VAL B 44 13.10 17.30 23.92
N TYR B 45 13.44 18.49 23.42
CA TYR B 45 12.56 19.27 22.57
C TYR B 45 13.15 19.39 21.17
N LYS B 46 12.27 19.54 20.19
CA LYS B 46 12.68 19.81 18.82
C LYS B 46 12.91 21.31 18.63
N GLY B 47 13.87 21.64 17.78
CA GLY B 47 14.17 23.02 17.52
C GLY B 47 14.83 23.21 16.16
N TYR B 48 14.84 24.45 15.70
CA TYR B 48 15.48 24.83 14.44
C TYR B 48 16.39 26.01 14.70
N VAL B 49 17.68 25.85 14.39
CA VAL B 49 18.68 26.90 14.55
C VAL B 49 19.38 27.07 13.21
N ASN B 50 19.17 28.24 12.58
CA ASN B 50 19.75 28.54 11.27
C ASN B 50 19.33 27.51 10.23
N ASN B 51 18.02 27.25 10.18
CA ASN B 51 17.43 26.27 9.27
C ASN B 51 18.08 24.90 9.42
N THR B 52 18.35 24.52 10.67
CA THR B 52 18.93 23.22 10.99
C THR B 52 18.16 22.63 12.17
N THR B 53 17.62 21.43 11.99
CA THR B 53 16.85 20.79 13.05
C THR B 53 17.79 20.28 14.14
N VAL B 54 17.48 20.63 15.38
CA VAL B 54 18.30 20.23 16.53
C VAL B 54 17.40 19.64 17.60
N ALA B 55 18.04 18.94 18.55
CA ALA B 55 17.37 18.40 19.73
C ALA B 55 17.97 19.07 20.96
N VAL B 56 17.12 19.70 21.76
CA VAL B 56 17.53 20.41 22.96
C VAL B 56 17.01 19.64 24.17
N LYS B 57 17.91 19.32 25.10
CA LYS B 57 17.58 18.56 26.30
C LYS B 57 17.66 19.50 27.50
N LYS B 58 16.51 19.91 28.02
CA LYS B 58 16.43 20.76 29.20
C LYS B 58 16.41 19.87 30.43
N LEU B 59 17.52 19.85 31.17
CA LEU B 59 17.63 18.95 32.31
C LEU B 59 16.72 19.39 33.46
N ALA B 60 16.28 18.41 34.23
CA ALA B 60 15.38 18.67 35.36
C ALA B 60 15.67 17.72 36.52
N THR B 66 19.27 16.01 43.23
CA THR B 66 19.71 17.28 43.80
C THR B 66 20.33 18.14 42.70
N THR B 67 20.50 19.43 42.98
CA THR B 67 20.93 20.38 41.96
C THR B 67 22.33 20.04 41.42
N GLU B 68 23.29 19.81 42.33
CA GLU B 68 24.64 19.48 41.89
C GLU B 68 24.67 18.17 41.10
N GLU B 69 23.81 17.22 41.47
CA GLU B 69 23.72 15.98 40.70
C GLU B 69 23.32 16.25 39.26
N LEU B 70 22.33 17.14 39.06
CA LEU B 70 21.95 17.51 37.70
C LEU B 70 23.10 18.21 36.97
N LYS B 71 23.83 19.07 37.67
CA LYS B 71 25.06 19.62 37.11
C LYS B 71 26.04 18.50 36.80
N GLN B 72 26.42 17.72 37.81
CA GLN B 72 27.40 16.64 37.69
C GLN B 72 27.26 15.84 36.39
N GLN B 73 26.03 15.51 36.02
CA GLN B 73 25.82 14.80 34.75
C GLN B 73 25.87 15.75 33.56
N PHE B 74 25.44 17.00 33.74
CA PHE B 74 25.57 18.00 32.69
C PHE B 74 27.03 18.17 32.27
N ASP B 75 27.92 18.36 33.26
CA ASP B 75 29.35 18.38 32.95
C ASP B 75 29.78 17.07 32.29
N GLN B 76 29.38 15.93 32.87
CA GLN B 76 29.87 14.64 32.41
C GLN B 76 29.57 14.42 30.93
N GLU B 77 28.38 14.82 30.47
CA GLU B 77 28.02 14.60 29.08
C GLU B 77 28.89 15.43 28.15
N ILE B 78 29.17 16.69 28.51
CA ILE B 78 29.99 17.53 27.65
C ILE B 78 31.42 17.01 27.58
N LYS B 79 31.93 16.46 28.69
CA LYS B 79 33.33 16.02 28.72
C LYS B 79 33.54 14.81 27.83
N VAL B 80 32.67 13.81 27.94
CA VAL B 80 32.81 12.59 27.12
C VAL B 80 32.66 12.93 25.65
N MET B 81 31.79 13.87 25.32
CA MET B 81 31.59 14.25 23.92
C MET B 81 32.73 15.08 23.37
N ALA B 82 33.48 15.77 24.23
CA ALA B 82 34.60 16.59 23.79
C ALA B 82 35.76 15.71 23.32
N HIS B 86 32.76 10.14 17.54
CA HIS B 86 32.67 8.85 16.87
C HIS B 86 31.45 8.78 15.95
N GLU B 87 31.49 7.84 15.01
CA GLU B 87 30.37 7.68 14.08
C GLU B 87 29.11 7.23 14.79
N ASN B 88 29.25 6.37 15.80
CA ASN B 88 28.10 5.75 16.46
C ASN B 88 27.75 6.41 17.79
N LEU B 89 28.09 7.69 17.94
CA LEU B 89 27.67 8.49 19.07
C LEU B 89 26.88 9.69 18.56
N VAL B 90 25.90 10.13 19.36
CA VAL B 90 25.17 11.33 19.01
C VAL B 90 26.11 12.52 18.99
N GLU B 91 25.80 13.51 18.15
CA GLU B 91 26.65 14.66 17.94
C GLU B 91 26.11 15.85 18.75
N LEU B 92 26.88 16.29 19.75
CA LEU B 92 26.50 17.42 20.57
C LEU B 92 26.94 18.71 19.88
N LEU B 93 26.00 19.61 19.65
CA LEU B 93 26.30 20.87 18.98
C LEU B 93 26.64 22.00 19.95
N GLY B 94 26.02 22.02 21.11
CA GLY B 94 26.26 23.10 22.05
C GLY B 94 25.53 22.87 23.35
N PHE B 95 25.49 23.92 24.16
CA PHE B 95 24.91 23.85 25.49
C PHE B 95 24.48 25.23 25.93
N SER B 96 23.75 25.28 27.04
CA SER B 96 23.36 26.54 27.65
C SER B 96 23.30 26.37 29.16
N SER B 97 23.98 27.25 29.88
CA SER B 97 23.97 27.24 31.34
C SER B 97 23.72 28.63 31.92
N ASP B 98 23.38 29.62 31.08
CA ASP B 98 23.20 30.98 31.54
C ASP B 98 21.93 31.19 32.36
N GLY B 99 21.01 30.22 32.35
CA GLY B 99 19.80 30.30 33.14
C GLY B 99 19.85 29.40 34.35
N ASP B 100 18.67 29.12 34.91
CA ASP B 100 18.55 28.17 36.00
C ASP B 100 18.26 26.75 35.52
N ASP B 101 18.04 26.57 34.22
CA ASP B 101 17.87 25.26 33.60
C ASP B 101 19.04 25.01 32.67
N LEU B 102 19.65 23.82 32.80
CA LEU B 102 20.78 23.45 31.96
C LEU B 102 20.29 22.77 30.69
N CYS B 103 20.90 23.12 29.56
CA CYS B 103 20.48 22.63 28.26
C CYS B 103 21.66 22.08 27.48
N LEU B 104 21.37 21.06 26.67
CA LEU B 104 22.34 20.48 25.75
C LEU B 104 21.68 20.37 24.38
N VAL B 105 22.38 20.82 23.34
CA VAL B 105 21.84 20.87 21.99
C VAL B 105 22.58 19.85 21.13
N TYR B 106 21.84 18.93 20.53
CA TYR B 106 22.38 17.89 19.68
C TYR B 106 21.87 18.04 18.26
N VAL B 107 22.44 17.23 17.36
CA VAL B 107 21.89 17.10 16.02
C VAL B 107 20.63 16.26 16.09
N TYR B 108 19.55 16.75 15.46
CA TYR B 108 18.27 16.06 15.50
C TYR B 108 18.35 14.72 14.79
N MET B 109 17.89 13.67 15.46
CA MET B 109 17.90 12.32 14.89
C MET B 109 16.59 12.10 14.16
N PRO B 110 16.59 12.06 12.82
CA PRO B 110 15.30 12.01 12.09
C PRO B 110 14.49 10.75 12.35
N ASN B 111 15.11 9.66 12.78
CA ASN B 111 14.41 8.40 12.98
C ASN B 111 14.29 8.02 14.46
N GLY B 112 14.52 8.97 15.36
CA GLY B 112 14.21 8.79 16.76
C GLY B 112 15.04 7.70 17.43
N SER B 113 14.41 7.02 18.39
CA SER B 113 15.06 6.00 19.18
C SER B 113 14.79 4.61 18.61
N LEU B 114 15.71 3.68 18.89
CA LEU B 114 15.50 2.30 18.49
C LEU B 114 14.29 1.68 19.18
N LEU B 115 14.03 2.09 20.43
CA LEU B 115 12.87 1.57 21.15
C LEU B 115 11.57 1.91 20.44
N ASP B 116 11.44 3.15 19.97
CA ASP B 116 10.22 3.56 19.30
C ASP B 116 10.09 2.93 17.92
N ARG B 117 11.20 2.73 17.21
CA ARG B 117 11.13 2.13 15.88
C ARG B 117 10.83 0.64 15.95
N LEU B 118 11.29 -0.04 17.00
CA LEU B 118 10.90 -1.44 17.19
C LEU B 118 9.41 -1.56 17.53
N SER B 119 8.88 -0.58 18.26
CA SER B 119 7.45 -0.55 18.56
C SER B 119 6.63 0.06 17.43
N CYS B 120 7.28 0.56 16.38
CA CYS B 120 6.60 1.22 15.26
C CYS B 120 5.74 2.39 15.75
N LEU B 121 6.28 3.16 16.69
CA LEU B 121 5.55 4.28 17.25
C LEU B 121 5.29 5.34 16.16
N ASP B 122 4.10 5.93 16.22
CA ASP B 122 3.64 6.95 15.27
C ASP B 122 3.49 6.41 13.85
N GLY B 123 3.39 5.09 13.71
CA GLY B 123 3.15 4.49 12.41
C GLY B 123 4.36 4.30 11.53
N THR B 124 5.56 4.27 12.11
CA THR B 124 6.76 4.07 11.31
C THR B 124 6.84 2.62 10.83
N PRO B 125 7.37 2.39 9.63
CA PRO B 125 7.43 1.02 9.12
C PRO B 125 8.36 0.16 9.95
N PRO B 126 8.09 -1.15 10.03
CA PRO B 126 8.95 -2.02 10.84
C PRO B 126 10.37 -2.10 10.28
N LEU B 127 11.33 -2.19 11.19
CA LEU B 127 12.72 -2.35 10.78
C LEU B 127 12.96 -3.76 10.27
N SER B 128 13.72 -3.86 9.19
CA SER B 128 14.04 -5.18 8.66
C SER B 128 15.21 -5.79 9.43
N TRP B 129 15.38 -7.10 9.27
CA TRP B 129 16.50 -7.79 9.90
C TRP B 129 17.84 -7.20 9.47
N HIS B 130 17.94 -6.82 8.19
CA HIS B 130 19.18 -6.22 7.68
C HIS B 130 19.51 -4.94 8.42
N MET B 131 18.51 -4.07 8.60
CA MET B 131 18.74 -2.82 9.32
C MET B 131 19.06 -3.08 10.79
N ARG B 132 18.41 -4.09 11.39
CA ARG B 132 18.67 -4.39 12.80
C ARG B 132 20.09 -4.89 13.01
N CYS B 133 20.61 -5.69 12.08
CA CYS B 133 21.98 -6.18 12.20
C CYS B 133 22.98 -5.02 12.12
N LYS B 134 22.71 -4.04 11.27
CA LYS B 134 23.58 -2.87 11.20
C LYS B 134 23.49 -2.03 12.46
N ILE B 135 22.28 -1.87 13.00
CA ILE B 135 22.10 -1.10 14.23
C ILE B 135 22.84 -1.78 15.38
N ALA B 136 22.76 -3.11 15.46
CA ALA B 136 23.44 -3.83 16.54
C ALA B 136 24.95 -3.66 16.42
N GLN B 137 25.50 -3.80 15.21
CA GLN B 137 26.93 -3.62 15.02
C GLN B 137 27.34 -2.19 15.32
N GLY B 138 26.57 -1.21 14.86
CA GLY B 138 26.91 0.18 15.13
C GLY B 138 26.85 0.51 16.61
N ALA B 139 25.78 0.07 17.28
CA ALA B 139 25.69 0.29 18.73
C ALA B 139 26.86 -0.34 19.47
N ALA B 140 27.33 -1.49 18.99
CA ALA B 140 28.50 -2.11 19.60
C ALA B 140 29.75 -1.27 19.36
N ASN B 141 29.89 -0.71 18.16
CA ASN B 141 31.04 0.16 17.88
C ASN B 141 31.01 1.41 18.75
N GLY B 142 29.81 1.92 19.07
CA GLY B 142 29.71 3.05 19.98
C GLY B 142 30.19 2.72 21.37
N ILE B 143 29.73 1.58 21.92
CA ILE B 143 30.17 1.15 23.25
C ILE B 143 31.67 0.94 23.26
N ASN B 144 32.22 0.40 22.16
CA ASN B 144 33.66 0.16 22.09
C ASN B 144 34.44 1.47 22.16
N PHE B 145 33.90 2.54 21.56
CA PHE B 145 34.57 3.83 21.62
C PHE B 145 34.60 4.37 23.04
N LEU B 146 33.52 4.21 23.79
CA LEU B 146 33.50 4.68 25.17
C LEU B 146 34.35 3.79 26.06
N HIS B 147 34.32 2.48 25.84
CA HIS B 147 35.12 1.57 26.64
C HIS B 147 36.61 1.70 26.32
N GLU B 148 36.94 2.10 25.08
CA GLU B 148 38.33 2.40 24.75
C GLU B 148 38.79 3.69 25.44
N ASN B 149 37.92 4.70 25.48
CA ASN B 149 38.20 5.95 26.18
C ASN B 149 37.97 5.85 27.67
N HIS B 150 37.85 4.64 28.21
CA HIS B 150 37.71 4.40 29.64
C HIS B 150 36.47 5.11 30.21
N HIS B 151 35.31 4.82 29.60
CA HIS B 151 34.05 5.38 30.03
C HIS B 151 33.01 4.27 30.12
N ILE B 152 32.16 4.35 31.14
CA ILE B 152 31.05 3.41 31.33
C ILE B 152 29.76 4.19 31.14
N HIS B 153 28.88 3.69 30.26
CA HIS B 153 27.65 4.41 29.96
C HIS B 153 26.67 4.34 31.14
N ARG B 154 26.45 3.14 31.68
CA ARG B 154 25.62 2.85 32.84
C ARG B 154 24.12 3.06 32.59
N ASP B 155 23.71 3.28 31.33
CA ASP B 155 22.30 3.39 31.01
C ASP B 155 22.05 2.93 29.58
N ILE B 156 22.70 1.85 29.17
CA ILE B 156 22.54 1.33 27.81
C ILE B 156 21.16 0.70 27.69
N LYS B 157 20.34 1.25 26.80
CA LYS B 157 19.03 0.68 26.50
C LYS B 157 18.59 1.20 25.14
N SER B 158 17.56 0.56 24.59
CA SER B 158 17.12 0.86 23.23
C SER B 158 16.63 2.31 23.10
N ALA B 159 16.09 2.88 24.17
CA ALA B 159 15.66 4.27 24.13
C ALA B 159 16.85 5.23 23.99
N ASN B 160 18.05 4.81 24.41
CA ASN B 160 19.24 5.62 24.32
C ASN B 160 20.08 5.28 23.09
N ILE B 161 19.55 4.46 22.19
CA ILE B 161 20.19 4.18 20.90
C ILE B 161 19.33 4.86 19.84
N LEU B 162 19.83 5.96 19.29
CA LEU B 162 19.08 6.75 18.32
C LEU B 162 19.48 6.39 16.90
N LEU B 163 18.67 6.85 15.94
CA LEU B 163 18.79 6.47 14.55
C LEU B 163 18.76 7.71 13.67
N ASP B 164 19.76 7.84 12.80
CA ASP B 164 19.91 9.03 11.96
C ASP B 164 19.25 8.81 10.60
N GLU B 165 19.61 9.65 9.63
CA GLU B 165 18.99 9.58 8.31
C GLU B 165 19.34 8.32 7.54
N ALA B 166 20.41 7.62 7.94
CA ALA B 166 20.77 6.33 7.34
C ALA B 166 20.50 5.18 8.28
N PHE B 167 19.72 5.40 9.35
CA PHE B 167 19.45 4.41 10.37
C PHE B 167 20.73 3.86 11.00
N THR B 168 21.73 4.73 11.12
CA THR B 168 22.96 4.39 11.84
C THR B 168 22.74 4.59 13.33
N ALA B 169 23.20 3.61 14.11
CA ALA B 169 23.01 3.66 15.55
C ALA B 169 23.86 4.75 16.18
N LYS B 170 23.24 5.56 17.04
CA LYS B 170 23.91 6.64 17.76
C LYS B 170 23.56 6.54 19.23
N ILE B 171 24.54 6.16 20.06
CA ILE B 171 24.32 6.09 21.50
C ILE B 171 24.17 7.50 22.06
N SER B 172 23.22 7.66 22.98
CA SER B 172 22.92 8.97 23.57
C SER B 172 22.84 8.85 25.08
N ASP B 173 22.53 9.97 25.72
CA ASP B 173 22.32 10.06 27.16
C ASP B 173 23.55 9.61 27.94
N PHE B 174 24.56 10.47 28.03
CA PHE B 174 25.77 10.20 28.80
C PHE B 174 25.76 10.88 30.16
N GLY B 175 24.58 11.12 30.73
CA GLY B 175 24.50 11.77 32.02
C GLY B 175 25.07 10.89 33.13
N LEU B 176 24.65 9.64 33.20
CA LEU B 176 25.12 8.70 34.20
C LEU B 176 26.48 8.11 33.88
N ALA B 177 27.18 8.65 32.89
CA ALA B 177 28.46 8.09 32.46
C ALA B 177 29.51 8.20 33.56
N ARG B 178 30.41 7.21 33.59
CA ARG B 178 31.47 7.15 34.58
C ARG B 178 32.74 6.66 33.92
N ALA B 179 33.87 6.96 34.56
CA ALA B 179 35.17 6.56 34.06
C ALA B 179 35.50 5.13 34.49
N SER B 180 36.68 4.65 34.10
CA SER B 180 37.12 3.32 34.46
C SER B 180 38.64 3.24 34.54
N TPO B 186 36.68 -3.11 41.51
CA TPO B 186 35.61 -2.39 40.83
CB TPO B 186 34.66 -3.37 40.12
CG2 TPO B 186 33.18 -3.09 40.38
OG1 TPO B 186 34.91 -3.32 38.71
P TPO B 186 35.05 -4.85 38.19
O1P TPO B 186 36.12 -5.54 38.95
O2P TPO B 186 33.66 -5.60 38.43
O3P TPO B 186 35.39 -4.86 36.62
C TPO B 186 34.86 -1.48 41.82
O TPO B 186 34.70 -1.82 42.99
N VAL B 187 34.41 -0.33 41.32
CA VAL B 187 33.83 0.72 42.16
C VAL B 187 32.41 0.39 42.62
N MET B 188 32.08 0.78 43.85
CA MET B 188 30.72 0.68 44.38
C MET B 188 30.15 2.07 44.63
N TPO B 189 28.84 2.22 44.43
CA TPO B 189 28.18 3.50 44.68
CB TPO B 189 27.68 4.12 43.38
CG2 TPO B 189 26.85 3.10 42.60
OG1 TPO B 189 26.87 5.26 43.67
P TPO B 189 27.73 6.59 43.42
O1P TPO B 189 29.18 6.28 43.40
O2P TPO B 189 27.42 7.66 44.59
O3P TPO B 189 27.31 7.23 42.00
C TPO B 189 27.02 3.35 45.67
O TPO B 189 26.44 2.28 45.81
N SEP B 190 26.69 4.46 46.33
CA SEP B 190 25.57 4.49 47.27
CB SEP B 190 25.77 5.63 48.28
OG SEP B 190 27.13 6.03 48.33
C SEP B 190 24.25 4.69 46.53
O SEP B 190 23.18 4.35 47.04
P SEP B 190 27.24 7.63 48.21
O1P SEP B 190 28.39 8.01 47.14
O2P SEP B 190 25.83 8.23 47.71
O3P SEP B 190 27.61 8.26 49.65
N ARG B 191 24.34 5.24 45.33
CA ARG B 191 23.17 5.61 44.55
C ARG B 191 23.00 4.71 43.33
N ILE B 192 22.07 3.75 43.43
CA ILE B 192 21.83 2.82 42.34
C ILE B 192 20.98 3.52 41.28
N VAL B 193 21.51 3.62 40.06
CA VAL B 193 20.87 4.36 38.98
C VAL B 193 20.88 3.53 37.71
N GLY B 194 19.82 3.65 36.93
CA GLY B 194 19.69 2.93 35.68
C GLY B 194 18.26 2.48 35.48
N THR B 195 18.06 1.63 34.49
CA THR B 195 16.76 1.07 34.16
C THR B 195 16.75 -0.42 34.51
N THR B 196 15.87 -0.80 35.44
CA THR B 196 15.94 -2.12 36.07
C THR B 196 15.87 -3.25 35.05
N ALA B 197 15.01 -3.12 34.04
CA ALA B 197 14.86 -4.18 33.04
C ALA B 197 16.12 -4.42 32.23
N TYR B 198 17.08 -3.49 32.23
CA TYR B 198 18.32 -3.64 31.49
C TYR B 198 19.54 -3.88 32.36
N MET B 199 19.46 -3.57 33.66
CA MET B 199 20.66 -3.52 34.49
C MET B 199 21.16 -4.92 34.84
N ALA B 200 22.47 -5.07 34.87
CA ALA B 200 23.09 -6.31 35.31
C ALA B 200 22.89 -6.49 36.81
N PRO B 201 22.98 -7.74 37.30
CA PRO B 201 22.83 -7.96 38.75
C PRO B 201 23.80 -7.17 39.60
N GLU B 202 25.08 -7.13 39.21
CA GLU B 202 26.05 -6.35 39.98
C GLU B 202 25.73 -4.86 39.93
N ALA B 203 25.15 -4.38 38.83
CA ALA B 203 24.73 -2.99 38.75
C ALA B 203 23.56 -2.72 39.71
N LEU B 204 22.63 -3.66 39.80
CA LEU B 204 21.56 -3.56 40.79
C LEU B 204 22.08 -3.66 42.22
N ARG B 205 23.28 -4.22 42.40
CA ARG B 205 23.89 -4.32 43.72
C ARG B 205 24.78 -3.14 44.05
N GLY B 206 24.97 -2.20 43.12
CA GLY B 206 25.77 -1.02 43.37
C GLY B 206 27.13 -1.01 42.73
N GLU B 207 27.51 -2.06 42.00
CA GLU B 207 28.81 -2.10 41.37
C GLU B 207 28.82 -1.26 40.10
N ILE B 208 29.98 -0.68 39.80
CA ILE B 208 30.19 0.14 38.60
C ILE B 208 31.33 -0.50 37.83
N THR B 209 31.01 -1.13 36.70
CA THR B 209 31.98 -1.84 35.90
C THR B 209 31.54 -1.79 34.45
N PRO B 210 32.49 -1.73 33.50
CA PRO B 210 32.11 -1.76 32.08
C PRO B 210 31.40 -3.04 31.67
N LYS B 211 31.54 -4.12 32.44
CA LYS B 211 30.87 -5.37 32.12
C LYS B 211 29.36 -5.28 32.30
N SER B 212 28.87 -4.32 33.09
CA SER B 212 27.43 -4.11 33.19
C SER B 212 26.87 -3.51 31.89
N ASP B 213 27.67 -2.71 31.18
CA ASP B 213 27.26 -2.21 29.88
C ASP B 213 27.03 -3.37 28.91
N ILE B 214 27.87 -4.40 28.98
CA ILE B 214 27.73 -5.55 28.09
C ILE B 214 26.42 -6.28 28.38
N TYR B 215 26.07 -6.45 29.65
CA TYR B 215 24.82 -7.11 30.00
C TYR B 215 23.62 -6.33 29.46
N SER B 216 23.61 -5.01 29.65
CA SER B 216 22.52 -4.20 29.13
C SER B 216 22.43 -4.29 27.60
N PHE B 217 23.58 -4.41 26.94
CA PHE B 217 23.57 -4.60 25.48
C PHE B 217 22.94 -5.92 25.10
N GLY B 218 23.11 -6.96 25.93
CA GLY B 218 22.47 -8.23 25.65
C GLY B 218 20.96 -8.13 25.64
N VAL B 219 20.41 -7.32 26.56
CA VAL B 219 18.96 -7.08 26.56
C VAL B 219 18.53 -6.35 25.31
N VAL B 220 19.36 -5.41 24.84
CA VAL B 220 19.04 -4.69 23.60
C VAL B 220 19.01 -5.66 22.42
N LEU B 221 19.93 -6.63 22.40
CA LEU B 221 19.93 -7.62 21.33
C LEU B 221 18.67 -8.47 21.36
N LEU B 222 18.16 -8.78 22.56
CA LEU B 222 16.90 -9.49 22.66
C LEU B 222 15.74 -8.63 22.17
N GLU B 223 15.77 -7.33 22.49
CA GLU B 223 14.77 -6.42 21.94
C GLU B 223 14.83 -6.38 20.43
N ILE B 224 16.05 -6.39 19.88
CA ILE B 224 16.23 -6.33 18.43
C ILE B 224 15.68 -7.60 17.77
N ILE B 225 15.95 -8.75 18.37
CA ILE B 225 15.49 -10.02 17.78
C ILE B 225 13.98 -10.15 17.90
N THR B 226 13.42 -9.82 19.06
CA THR B 226 12.01 -10.06 19.33
C THR B 226 11.11 -8.88 18.97
N GLY B 227 11.64 -7.66 18.96
CA GLY B 227 10.80 -6.50 18.79
C GLY B 227 9.98 -6.14 20.02
N LEU B 228 10.20 -6.81 21.14
CA LEU B 228 9.50 -6.65 22.41
C LEU B 228 10.28 -5.72 23.34
N PRO B 229 9.59 -4.88 24.09
CA PRO B 229 10.26 -4.06 25.09
C PRO B 229 10.85 -4.91 26.21
N ALA B 230 11.87 -4.35 26.87
CA ALA B 230 12.57 -5.09 27.92
C ALA B 230 11.64 -5.41 29.08
N VAL B 231 10.72 -4.50 29.40
CA VAL B 231 9.73 -4.73 30.45
C VAL B 231 8.36 -4.33 29.91
N ASP B 232 7.36 -5.16 30.21
CA ASP B 232 5.98 -4.87 29.85
C ASP B 232 5.10 -5.42 30.96
N GLU B 233 4.51 -4.52 31.75
CA GLU B 233 3.72 -4.95 32.90
C GLU B 233 2.48 -5.73 32.50
N HIS B 234 2.01 -5.57 31.26
CA HIS B 234 0.87 -6.31 30.75
C HIS B 234 1.28 -7.48 29.88
N ARG B 235 2.41 -8.12 30.21
CA ARG B 235 2.94 -9.23 29.43
C ARG B 235 3.41 -10.32 30.37
N GLU B 236 3.24 -11.57 29.94
CA GLU B 236 3.77 -12.73 30.67
C GLU B 236 4.76 -13.46 29.79
N PRO B 237 6.05 -13.46 30.12
CA PRO B 237 6.67 -12.85 31.31
C PRO B 237 6.79 -11.33 31.18
N GLN B 238 6.88 -10.62 32.29
CA GLN B 238 7.00 -9.17 32.27
C GLN B 238 8.38 -8.71 31.83
N LEU B 239 9.43 -9.45 32.20
CA LEU B 239 10.80 -9.09 31.86
C LEU B 239 11.27 -9.90 30.66
N LEU B 240 11.87 -9.20 29.68
CA LEU B 240 12.32 -9.87 28.47
C LEU B 240 13.42 -10.87 28.75
N LEU B 241 14.30 -10.58 29.71
CA LEU B 241 15.39 -11.49 30.02
C LEU B 241 14.90 -12.81 30.58
N ASP B 242 13.62 -12.93 30.91
CA ASP B 242 13.07 -14.21 31.36
C ASP B 242 12.91 -15.20 30.22
N ILE B 243 12.85 -14.74 28.96
CA ILE B 243 12.79 -15.67 27.84
C ILE B 243 14.11 -16.40 27.67
N LYS B 244 15.21 -15.85 28.19
CA LYS B 244 16.48 -16.56 28.14
C LYS B 244 16.42 -17.86 28.93
N GLU B 245 15.77 -17.82 30.11
CA GLU B 245 15.62 -19.04 30.90
C GLU B 245 14.67 -20.02 30.22
N GLU B 246 13.69 -19.53 29.46
CA GLU B 246 12.78 -20.42 28.74
C GLU B 246 13.46 -21.10 27.57
N ILE B 247 14.55 -20.55 27.06
CA ILE B 247 15.28 -21.19 25.98
C ILE B 247 16.33 -22.15 26.53
N GLU B 248 17.00 -21.77 27.62
CA GLU B 248 18.08 -22.59 28.16
C GLU B 248 17.56 -23.87 28.81
N ASP B 249 16.37 -23.84 29.40
CA ASP B 249 15.79 -25.05 29.96
C ASP B 249 15.05 -25.88 28.90
N GLU B 250 15.14 -25.48 27.63
CA GLU B 250 14.69 -26.26 26.48
C GLU B 250 13.17 -26.37 26.39
N GLU B 251 12.41 -25.38 26.88
CA GLU B 251 10.98 -25.38 26.57
C GLU B 251 10.71 -24.64 25.27
N LYS B 252 11.32 -23.47 25.09
CA LYS B 252 11.11 -22.64 23.91
C LYS B 252 12.40 -22.57 23.10
N THR B 253 12.30 -21.92 21.94
CA THR B 253 13.46 -21.61 21.11
C THR B 253 13.45 -20.12 20.78
N ILE B 254 14.61 -19.62 20.32
CA ILE B 254 14.68 -18.23 19.91
C ILE B 254 13.81 -17.99 18.68
N GLU B 255 13.59 -19.03 17.88
CA GLU B 255 12.71 -18.87 16.71
C GLU B 255 11.26 -18.65 17.12
N ASP B 256 10.87 -19.10 18.32
CA ASP B 256 9.52 -18.86 18.80
C ASP B 256 9.28 -17.40 19.14
N TYR B 257 10.35 -16.60 19.29
CA TYR B 257 10.22 -15.21 19.72
C TYR B 257 10.70 -14.20 18.70
N ILE B 258 11.15 -14.64 17.52
CA ILE B 258 11.61 -13.71 16.50
C ILE B 258 10.47 -12.77 16.11
N ASP B 259 10.80 -11.50 15.93
CA ASP B 259 9.81 -10.49 15.59
C ASP B 259 9.10 -10.87 14.29
N LYS B 260 7.78 -11.04 14.37
CA LYS B 260 6.98 -11.37 13.19
C LYS B 260 6.87 -10.21 12.22
N LYS B 261 7.17 -8.98 12.67
CA LYS B 261 7.11 -7.81 11.81
C LYS B 261 8.34 -7.67 10.91
N MET B 262 9.10 -8.74 10.75
CA MET B 262 10.18 -8.83 9.78
C MET B 262 9.81 -9.87 8.72
N ASN B 263 10.44 -9.75 7.55
CA ASN B 263 10.31 -10.77 6.52
C ASN B 263 11.64 -11.30 6.03
N ASP B 264 12.77 -10.71 6.42
CA ASP B 264 14.08 -11.09 5.92
C ASP B 264 14.95 -11.76 6.99
N ALA B 265 14.34 -12.23 8.07
CA ALA B 265 15.10 -12.90 9.12
C ALA B 265 15.32 -14.37 8.75
N ASP B 266 16.52 -14.86 9.04
CA ASP B 266 16.85 -16.26 8.85
C ASP B 266 17.35 -16.83 10.18
N SER B 267 17.22 -18.15 10.32
CA SER B 267 17.52 -18.79 11.60
C SER B 267 18.99 -18.67 11.96
N THR B 268 19.88 -18.81 10.97
CA THR B 268 21.32 -18.85 11.25
C THR B 268 21.82 -17.52 11.81
N SER B 269 21.42 -16.41 11.19
CA SER B 269 21.87 -15.10 11.65
C SER B 269 21.22 -14.72 12.97
N VAL B 270 19.96 -15.11 13.18
CA VAL B 270 19.27 -14.80 14.43
C VAL B 270 19.92 -15.55 15.58
N GLU B 271 20.19 -16.84 15.40
CA GLU B 271 20.82 -17.63 16.45
C GLU B 271 22.22 -17.13 16.76
N ALA B 272 22.93 -16.62 15.75
CA ALA B 272 24.25 -16.04 16.00
C ALA B 272 24.14 -14.80 16.87
N MET B 273 23.13 -13.97 16.63
CA MET B 273 22.94 -12.77 17.46
C MET B 273 22.46 -13.14 18.86
N TYR B 274 21.60 -14.16 18.96
CA TYR B 274 21.16 -14.60 20.29
C TYR B 274 22.33 -15.18 21.08
N SER B 275 23.25 -15.87 20.41
CA SER B 275 24.42 -16.42 21.10
C SER B 275 25.28 -15.31 21.68
N VAL B 276 25.44 -14.21 20.96
CA VAL B 276 26.12 -13.04 21.52
C VAL B 276 25.35 -12.51 22.71
N ALA B 277 24.03 -12.39 22.56
CA ALA B 277 23.20 -11.90 23.66
C ALA B 277 23.29 -12.80 24.87
N SER B 278 23.25 -14.12 24.66
CA SER B 278 23.35 -15.06 25.77
C SER B 278 24.69 -14.93 26.48
N GLN B 279 25.76 -14.69 25.72
CA GLN B 279 27.06 -14.46 26.35
C GLN B 279 27.08 -13.16 27.13
N CYS B 280 26.46 -12.10 26.58
CA CYS B 280 26.38 -10.83 27.28
C CYS B 280 25.52 -10.94 28.54
N LEU B 281 24.54 -11.84 28.54
CA LEU B 281 23.60 -11.98 29.63
C LEU B 281 24.06 -13.00 30.68
N HIS B 282 25.35 -13.32 30.71
CA HIS B 282 25.89 -14.12 31.80
C HIS B 282 25.62 -13.41 33.12
N GLU B 283 24.87 -14.06 34.01
CA GLU B 283 24.58 -13.47 35.31
C GLU B 283 25.86 -13.19 36.09
N LYS B 284 26.88 -14.03 35.89
CA LYS B 284 28.20 -13.77 36.45
C LYS B 284 28.94 -12.77 35.56
N LYS B 285 29.42 -11.68 36.16
CA LYS B 285 29.95 -10.57 35.38
C LYS B 285 31.26 -10.93 34.67
N ASN B 286 32.09 -11.78 35.28
CA ASN B 286 33.38 -12.11 34.69
C ASN B 286 33.28 -13.10 33.54
N LYS B 287 32.14 -13.77 33.38
CA LYS B 287 31.93 -14.68 32.27
C LYS B 287 31.57 -13.96 30.98
N ARG B 288 31.18 -12.69 31.05
CA ARG B 288 30.75 -11.97 29.87
C ARG B 288 31.95 -11.62 28.99
N PRO B 289 31.76 -11.54 27.67
CA PRO B 289 32.82 -11.06 26.80
C PRO B 289 32.93 -9.54 26.86
N ASP B 290 34.10 -9.05 26.47
CA ASP B 290 34.28 -7.60 26.38
C ASP B 290 33.66 -7.08 25.10
N ILE B 291 33.57 -5.76 24.99
CA ILE B 291 32.87 -5.16 23.85
C ILE B 291 33.61 -5.44 22.55
N LYS B 292 34.92 -5.67 22.61
CA LYS B 292 35.67 -6.00 21.39
C LYS B 292 35.31 -7.39 20.89
N LYS B 293 35.16 -8.36 21.80
CA LYS B 293 34.69 -9.68 21.39
C LYS B 293 33.27 -9.63 20.85
N VAL B 294 32.40 -8.86 21.52
CA VAL B 294 31.03 -8.68 21.03
C VAL B 294 31.06 -8.04 19.65
N GLN B 295 31.96 -7.09 19.43
CA GLN B 295 32.11 -6.47 18.11
C GLN B 295 32.50 -7.50 17.07
N GLN B 296 33.43 -8.39 17.40
CA GLN B 296 33.88 -9.38 16.44
C GLN B 296 32.80 -10.42 16.17
N LEU B 297 32.10 -10.87 17.21
CA LEU B 297 31.05 -11.85 17.03
C LEU B 297 29.91 -11.31 16.17
N LEU B 298 29.62 -10.02 16.27
CA LEU B 298 28.58 -9.43 15.43
C LEU B 298 29.04 -9.27 13.99
N GLN B 299 30.34 -9.06 13.77
CA GLN B 299 30.84 -8.95 12.41
C GLN B 299 30.79 -10.29 11.70
N GLU B 300 31.17 -11.37 12.39
CA GLU B 300 31.08 -12.71 11.80
C GLU B 300 29.65 -13.12 11.53
N MET B 301 28.69 -12.51 12.24
CA MET B 301 27.28 -12.81 11.97
C MET B 301 26.86 -12.38 10.58
N THR B 302 27.47 -11.33 10.05
CA THR B 302 27.13 -10.82 8.73
C THR B 302 28.20 -11.17 7.70
N PHE C 9 30.53 -4.38 1.18
CA PHE C 9 29.86 -5.08 0.08
C PHE C 9 30.35 -6.52 -0.03
N HIS C 10 29.41 -7.44 -0.25
CA HIS C 10 29.72 -8.85 -0.40
C HIS C 10 29.97 -9.17 -1.86
N SER C 11 31.06 -9.88 -2.14
CA SER C 11 31.40 -10.27 -3.50
C SER C 11 30.72 -11.61 -3.81
N PHE C 12 29.71 -11.57 -4.66
CA PHE C 12 29.02 -12.78 -5.10
C PHE C 12 29.71 -13.37 -6.32
N SER C 13 29.63 -14.68 -6.44
CA SER C 13 29.96 -15.32 -7.72
C SER C 13 28.74 -15.28 -8.62
N PHE C 14 28.98 -15.22 -9.93
CA PHE C 14 27.88 -15.14 -10.88
C PHE C 14 26.95 -16.34 -10.76
N TYR C 15 27.49 -17.49 -10.33
CA TYR C 15 26.69 -18.70 -10.26
C TYR C 15 25.74 -18.66 -9.07
N GLU C 16 26.16 -18.04 -7.96
CA GLU C 16 25.24 -17.85 -6.85
C GLU C 16 24.08 -16.94 -7.24
N LEU C 17 24.36 -15.91 -8.05
CA LEU C 17 23.32 -15.01 -8.50
C LEU C 17 22.41 -15.65 -9.54
N LYS C 18 22.91 -16.65 -10.27
CA LYS C 18 22.01 -17.47 -11.08
C LYS C 18 21.05 -18.26 -10.19
N ASN C 19 21.53 -18.68 -9.02
CA ASN C 19 20.69 -19.43 -8.10
C ASN C 19 19.57 -18.57 -7.53
N VAL C 20 19.89 -17.34 -7.12
CA VAL C 20 18.88 -16.48 -6.51
C VAL C 20 17.86 -15.97 -7.53
N THR C 21 18.23 -15.96 -8.82
CA THR C 21 17.36 -15.41 -9.85
C THR C 21 16.66 -16.49 -10.67
N ASN C 22 16.70 -17.74 -10.23
CA ASN C 22 16.18 -18.87 -11.01
C ASN C 22 16.80 -18.88 -12.40
N ASN C 23 18.12 -18.74 -12.43
CA ASN C 23 18.89 -18.61 -13.68
C ASN C 23 18.37 -17.44 -14.52
N PHE C 24 18.11 -16.31 -13.85
CA PHE C 24 17.66 -15.07 -14.50
C PHE C 24 16.41 -15.31 -15.34
N ASP C 25 15.35 -15.73 -14.65
CA ASP C 25 14.07 -15.99 -15.32
C ASP C 25 13.50 -14.68 -15.87
N GLU C 26 13.26 -14.67 -17.19
CA GLU C 26 12.76 -13.48 -17.85
C GLU C 26 11.25 -13.31 -17.74
N ARG C 27 10.54 -14.29 -17.20
CA ARG C 27 9.11 -14.16 -17.01
C ARG C 27 8.82 -13.06 -15.99
N PRO C 28 7.72 -12.32 -16.15
CA PRO C 28 7.40 -11.25 -15.21
C PRO C 28 7.12 -11.79 -13.82
N ILE C 29 7.52 -11.01 -12.80
CA ILE C 29 7.22 -11.37 -11.43
C ILE C 29 5.71 -11.40 -11.18
N SER C 30 4.93 -10.70 -12.00
CA SER C 30 3.48 -10.70 -11.85
C SER C 30 2.86 -12.06 -12.13
N VAL C 31 3.57 -12.94 -12.83
CA VAL C 31 3.09 -14.28 -13.12
C VAL C 31 3.98 -15.35 -12.50
N GLY C 32 4.79 -14.97 -11.52
CA GLY C 32 5.67 -15.91 -10.84
C GLY C 32 7.09 -15.97 -11.35
N GLY C 33 7.48 -15.09 -12.26
CA GLY C 33 8.83 -15.05 -12.78
C GLY C 33 9.75 -14.21 -11.92
N ASN C 34 10.86 -13.79 -12.51
CA ASN C 34 11.85 -13.00 -11.79
C ASN C 34 12.16 -11.65 -12.42
N LYS C 35 11.74 -11.40 -13.66
CA LYS C 35 12.03 -10.13 -14.30
C LYS C 35 11.15 -9.04 -13.72
N MET C 36 11.79 -7.95 -13.29
CA MET C 36 11.11 -6.81 -12.68
C MET C 36 11.08 -5.57 -13.55
N GLY C 37 12.20 -5.24 -14.20
CA GLY C 37 12.26 -4.06 -15.03
C GLY C 37 13.42 -4.17 -16.00
N GLU C 38 13.55 -3.14 -16.83
CA GLU C 38 14.55 -3.14 -17.89
C GLU C 38 15.06 -1.73 -18.11
N GLY C 39 16.38 -1.61 -18.28
CA GLY C 39 16.99 -0.35 -18.63
C GLY C 39 17.93 -0.53 -19.80
N GLY C 40 18.40 0.60 -20.33
CA GLY C 40 19.34 0.57 -21.43
C GLY C 40 20.68 -0.06 -21.09
N PHE C 41 20.95 -0.30 -19.81
CA PHE C 41 22.22 -0.85 -19.37
C PHE C 41 22.08 -2.16 -18.62
N GLY C 42 20.89 -2.74 -18.54
CA GLY C 42 20.74 -4.02 -17.90
C GLY C 42 19.30 -4.31 -17.54
N VAL C 43 19.09 -5.57 -17.12
CA VAL C 43 17.79 -6.06 -16.66
C VAL C 43 17.89 -6.36 -15.18
N VAL C 44 16.83 -6.05 -14.44
CA VAL C 44 16.78 -6.23 -12.99
C VAL C 44 15.88 -7.41 -12.66
N TYR C 45 16.37 -8.32 -11.82
CA TYR C 45 15.68 -9.55 -11.48
C TYR C 45 15.42 -9.62 -9.98
N LYS C 46 14.28 -10.19 -9.61
CA LYS C 46 13.97 -10.45 -8.21
C LYS C 46 14.64 -11.74 -7.75
N GLY C 47 14.98 -11.79 -6.48
CA GLY C 47 15.57 -13.00 -5.92
C GLY C 47 15.62 -12.94 -4.40
N TYR C 48 16.03 -14.06 -3.82
CA TYR C 48 16.21 -14.18 -2.39
C TYR C 48 17.60 -14.74 -2.12
N VAL C 49 18.40 -14.02 -1.33
CA VAL C 49 19.61 -14.57 -0.73
C VAL C 49 19.32 -14.79 0.74
N ASN C 50 19.53 -16.02 1.21
CA ASN C 50 18.96 -16.47 2.47
C ASN C 50 17.47 -16.14 2.50
N ASN C 51 17.06 -15.25 3.41
CA ASN C 51 15.68 -14.81 3.48
C ASN C 51 15.51 -13.36 3.05
N THR C 52 16.55 -12.74 2.48
CA THR C 52 16.52 -11.35 2.09
C THR C 52 16.09 -11.24 0.63
N THR C 53 14.99 -10.54 0.37
CA THR C 53 14.57 -10.29 -1.00
C THR C 53 15.50 -9.25 -1.64
N VAL C 54 16.05 -9.57 -2.80
CA VAL C 54 17.04 -8.73 -3.44
C VAL C 54 16.62 -8.40 -4.86
N ALA C 55 17.21 -7.32 -5.38
CA ALA C 55 17.15 -6.98 -6.79
C ALA C 55 18.54 -7.19 -7.38
N VAL C 56 18.61 -7.97 -8.45
CA VAL C 56 19.88 -8.25 -9.13
C VAL C 56 19.81 -7.62 -10.52
N LYS C 57 20.59 -6.55 -10.72
CA LYS C 57 20.69 -5.91 -12.02
C LYS C 57 21.84 -6.55 -12.77
N LYS C 58 21.53 -7.27 -13.84
CA LYS C 58 22.54 -7.88 -14.71
C LYS C 58 22.84 -6.90 -15.85
N LEU C 59 24.01 -6.26 -15.78
CA LEU C 59 24.34 -5.24 -16.76
C LEU C 59 24.49 -5.85 -18.16
N ALA C 60 24.08 -5.08 -19.16
CA ALA C 60 24.14 -5.54 -20.54
C ALA C 60 24.29 -4.35 -21.50
N ASP C 64 25.45 -0.27 -28.05
CA ASP C 64 25.48 1.18 -27.88
C ASP C 64 26.78 1.63 -27.22
N ILE C 65 27.07 1.07 -26.05
CA ILE C 65 28.25 1.40 -25.29
C ILE C 65 29.24 0.24 -25.43
N THR C 66 30.50 0.52 -25.10
CA THR C 66 31.54 -0.52 -25.13
C THR C 66 31.65 -1.19 -23.77
N THR C 67 32.40 -2.28 -23.73
CA THR C 67 32.55 -3.05 -22.49
C THR C 67 33.27 -2.25 -21.43
N GLU C 68 34.36 -1.57 -21.80
CA GLU C 68 35.07 -0.73 -20.84
C GLU C 68 34.16 0.34 -20.28
N GLU C 69 33.26 0.89 -21.12
CA GLU C 69 32.33 1.90 -20.65
C GLU C 69 31.22 1.31 -19.79
N LEU C 70 30.94 0.01 -19.93
CA LEU C 70 30.02 -0.64 -18.99
C LEU C 70 30.71 -0.90 -17.66
N LYS C 71 32.03 -1.16 -17.69
CA LYS C 71 32.75 -1.47 -16.46
C LYS C 71 32.91 -0.23 -15.59
N GLN C 72 33.15 0.93 -16.19
CA GLN C 72 33.30 2.15 -15.40
C GLN C 72 31.98 2.53 -14.71
N GLN C 73 30.85 2.32 -15.40
CA GLN C 73 29.56 2.52 -14.74
C GLN C 73 29.36 1.51 -13.61
N PHE C 74 29.73 0.26 -13.84
CA PHE C 74 29.73 -0.74 -12.78
C PHE C 74 30.61 -0.30 -11.62
N ASP C 75 31.82 0.19 -11.92
CA ASP C 75 32.72 0.67 -10.88
C ASP C 75 32.23 1.97 -10.25
N GLN C 76 31.57 2.83 -11.03
CA GLN C 76 31.10 4.10 -10.48
C GLN C 76 29.97 3.89 -9.49
N GLU C 77 29.07 2.95 -9.77
CA GLU C 77 27.95 2.70 -8.86
C GLU C 77 28.44 2.17 -7.53
N ILE C 78 29.42 1.26 -7.55
CA ILE C 78 30.00 0.74 -6.31
C ILE C 78 30.68 1.87 -5.54
N LYS C 79 31.36 2.78 -6.24
CA LYS C 79 32.08 3.85 -5.57
C LYS C 79 31.13 4.82 -4.88
N VAL C 80 30.00 5.15 -5.54
CA VAL C 80 29.05 6.07 -4.93
C VAL C 80 28.28 5.38 -3.80
N MET C 81 27.89 4.12 -4.02
CA MET C 81 27.13 3.39 -3.00
C MET C 81 27.98 3.06 -1.79
N ALA C 82 29.31 3.05 -1.91
CA ALA C 82 30.17 2.80 -0.77
C ALA C 82 30.26 4.02 0.15
N LYS C 83 30.09 5.22 -0.40
CA LYS C 83 30.21 6.45 0.36
C LYS C 83 28.88 7.08 0.73
N CYS C 84 27.83 6.84 -0.05
CA CYS C 84 26.54 7.49 0.12
C CYS C 84 25.53 6.48 0.67
N GLN C 85 25.21 6.60 1.95
CA GLN C 85 24.17 5.82 2.59
C GLN C 85 23.14 6.76 3.18
N HIS C 86 21.87 6.55 2.82
CA HIS C 86 20.80 7.47 3.18
C HIS C 86 19.47 6.76 2.96
N GLU C 87 18.47 7.14 3.76
CA GLU C 87 17.16 6.49 3.69
C GLU C 87 16.49 6.73 2.34
N ASN C 88 16.84 7.82 1.66
CA ASN C 88 16.27 8.15 0.36
C ASN C 88 17.19 7.76 -0.78
N LEU C 89 18.13 6.84 -0.54
CA LEU C 89 18.92 6.21 -1.58
C LEU C 89 18.78 4.70 -1.45
N VAL C 90 18.83 4.01 -2.58
CA VAL C 90 18.83 2.54 -2.54
C VAL C 90 20.12 2.06 -1.88
N GLU C 91 20.10 0.80 -1.44
CA GLU C 91 21.22 0.21 -0.72
C GLU C 91 21.79 -0.95 -1.51
N LEU C 92 23.08 -0.87 -1.83
CA LEU C 92 23.78 -1.95 -2.49
C LEU C 92 24.21 -2.99 -1.45
N LEU C 93 23.86 -4.25 -1.69
CA LEU C 93 24.29 -5.35 -0.83
C LEU C 93 25.59 -5.97 -1.31
N GLY C 94 25.74 -6.12 -2.62
CA GLY C 94 26.95 -6.71 -3.16
C GLY C 94 26.98 -6.62 -4.66
N PHE C 95 27.88 -7.41 -5.26
CA PHE C 95 28.08 -7.37 -6.69
C PHE C 95 28.72 -8.67 -7.14
N SER C 96 28.80 -8.84 -8.47
CA SER C 96 29.47 -9.98 -9.08
C SER C 96 30.23 -9.49 -10.31
N SER C 97 31.52 -9.81 -10.37
CA SER C 97 32.36 -9.40 -11.48
C SER C 97 33.08 -10.58 -12.12
N ASP C 98 32.45 -11.75 -12.10
CA ASP C 98 33.04 -12.96 -12.67
C ASP C 98 33.06 -12.84 -14.19
N GLY C 99 34.21 -12.44 -14.73
CA GLY C 99 34.35 -12.32 -16.17
C GLY C 99 33.61 -11.11 -16.72
N ASP C 100 33.08 -11.26 -17.93
CA ASP C 100 32.29 -10.20 -18.55
C ASP C 100 30.85 -10.18 -18.06
N ASP C 101 30.53 -10.94 -17.03
CA ASP C 101 29.23 -10.85 -16.37
C ASP C 101 29.35 -9.88 -15.20
N LEU C 102 28.57 -8.81 -15.24
CA LEU C 102 28.61 -7.77 -14.21
C LEU C 102 27.23 -7.64 -13.59
N CYS C 103 27.15 -7.90 -12.28
CA CYS C 103 25.88 -7.89 -11.57
C CYS C 103 26.00 -7.02 -10.32
N LEU C 104 24.89 -6.37 -9.97
CA LEU C 104 24.78 -5.58 -8.76
C LEU C 104 23.55 -6.05 -7.99
N VAL C 105 23.71 -6.21 -6.67
CA VAL C 105 22.67 -6.78 -5.81
C VAL C 105 22.26 -5.72 -4.81
N TYR C 106 20.98 -5.36 -4.83
CA TYR C 106 20.42 -4.34 -3.94
C TYR C 106 19.34 -4.94 -3.06
N VAL C 107 18.94 -4.17 -2.05
CA VAL C 107 17.73 -4.50 -1.29
C VAL C 107 16.52 -4.28 -2.18
N TYR C 108 15.64 -5.28 -2.23
CA TYR C 108 14.47 -5.24 -3.10
C TYR C 108 13.49 -4.17 -2.64
N MET C 109 12.89 -3.47 -3.60
CA MET C 109 11.96 -2.39 -3.30
C MET C 109 10.54 -2.89 -3.53
N PRO C 110 9.74 -3.09 -2.48
CA PRO C 110 8.43 -3.75 -2.66
C PRO C 110 7.47 -3.01 -3.59
N ASN C 111 7.65 -1.71 -3.82
CA ASN C 111 6.71 -0.95 -4.64
C ASN C 111 7.34 -0.42 -5.92
N GLY C 112 8.44 -1.02 -6.37
CA GLY C 112 9.03 -0.74 -7.66
C GLY C 112 9.39 0.72 -7.87
N SER C 113 9.21 1.18 -9.09
CA SER C 113 9.58 2.53 -9.50
C SER C 113 8.38 3.47 -9.44
N LEU C 114 8.67 4.76 -9.23
CA LEU C 114 7.63 5.77 -9.27
C LEU C 114 6.96 5.82 -10.64
N LEU C 115 7.74 5.60 -11.70
CA LEU C 115 7.17 5.62 -13.04
C LEU C 115 6.10 4.54 -13.21
N ASP C 116 6.41 3.32 -12.75
CA ASP C 116 5.47 2.22 -12.90
C ASP C 116 4.25 2.37 -12.00
N ARG C 117 4.42 2.99 -10.83
CA ARG C 117 3.27 3.24 -9.96
C ARG C 117 2.42 4.39 -10.47
N LEU C 118 3.05 5.38 -11.12
CA LEU C 118 2.28 6.46 -11.74
C LEU C 118 1.43 5.94 -12.89
N SER C 119 1.90 4.91 -13.59
CA SER C 119 1.13 4.28 -14.66
C SER C 119 0.30 3.10 -14.18
N CYS C 120 0.36 2.78 -12.89
CA CYS C 120 -0.41 1.68 -12.30
C CYS C 120 -0.08 0.34 -12.96
N LEU C 121 1.20 0.15 -13.31
CA LEU C 121 1.63 -1.09 -13.92
C LEU C 121 1.34 -2.27 -12.98
N ASP C 122 0.87 -3.37 -13.57
CA ASP C 122 0.56 -4.61 -12.88
C ASP C 122 -0.65 -4.51 -11.96
N GLY C 123 -1.45 -3.45 -12.10
CA GLY C 123 -2.69 -3.33 -11.36
C GLY C 123 -2.59 -2.69 -10.00
N THR C 124 -1.49 -1.99 -9.69
CA THR C 124 -1.38 -1.32 -8.41
C THR C 124 -2.31 -0.11 -8.36
N PRO C 125 -2.87 0.19 -7.19
CA PRO C 125 -3.79 1.32 -7.08
C PRO C 125 -3.09 2.64 -7.34
N PRO C 126 -3.76 3.60 -7.97
CA PRO C 126 -3.12 4.89 -8.25
C PRO C 126 -2.72 5.60 -6.96
N LEU C 127 -1.60 6.30 -7.03
CA LEU C 127 -1.08 7.01 -5.88
C LEU C 127 -1.93 8.24 -5.56
N SER C 128 -2.19 8.44 -4.28
CA SER C 128 -2.95 9.61 -3.85
C SER C 128 -2.06 10.86 -3.90
N TRP C 129 -2.70 12.03 -3.88
CA TRP C 129 -1.94 13.27 -3.88
C TRP C 129 -1.10 13.40 -2.62
N HIS C 130 -1.62 12.95 -1.48
CA HIS C 130 -0.87 13.03 -0.23
C HIS C 130 0.42 12.22 -0.31
N MET C 131 0.34 10.99 -0.82
CA MET C 131 1.53 10.17 -0.95
C MET C 131 2.47 10.70 -2.03
N ARG C 132 1.92 11.28 -3.10
CA ARG C 132 2.76 11.87 -4.12
C ARG C 132 3.58 13.04 -3.57
N CYS C 133 3.02 13.79 -2.62
CA CYS C 133 3.77 14.89 -2.00
C CYS C 133 4.91 14.36 -1.16
N LYS C 134 4.68 13.29 -0.40
CA LYS C 134 5.74 12.71 0.41
C LYS C 134 6.83 12.10 -0.46
N ILE C 135 6.45 11.49 -1.58
CA ILE C 135 7.42 10.92 -2.51
C ILE C 135 8.31 12.02 -3.07
N ALA C 136 7.71 13.14 -3.47
CA ALA C 136 8.49 14.25 -4.01
C ALA C 136 9.45 14.80 -2.96
N GLN C 137 9.02 14.84 -1.70
CA GLN C 137 9.91 15.30 -0.64
C GLN C 137 11.03 14.30 -0.37
N GLY C 138 10.71 13.01 -0.41
CA GLY C 138 11.74 12.00 -0.20
C GLY C 138 12.80 12.01 -1.29
N ALA C 139 12.35 12.08 -2.54
CA ALA C 139 13.30 12.14 -3.65
C ALA C 139 14.15 13.41 -3.59
N ALA C 140 13.56 14.52 -3.14
CA ALA C 140 14.31 15.75 -3.00
C ALA C 140 15.37 15.65 -1.91
N ASN C 141 15.04 15.01 -0.79
CA ASN C 141 16.04 14.77 0.24
C ASN C 141 17.13 13.82 -0.24
N GLY C 142 16.77 12.87 -1.11
CA GLY C 142 17.78 11.97 -1.65
C GLY C 142 18.75 12.67 -2.57
N ILE C 143 18.25 13.55 -3.44
CA ILE C 143 19.11 14.32 -4.31
C ILE C 143 19.96 15.30 -3.50
N ASN C 144 19.38 15.87 -2.43
CA ASN C 144 20.13 16.81 -1.60
C ASN C 144 21.33 16.14 -0.94
N PHE C 145 21.17 14.90 -0.48
CA PHE C 145 22.28 14.18 0.12
C PHE C 145 23.38 13.93 -0.90
N LEU C 146 23.01 13.58 -2.12
CA LEU C 146 24.00 13.37 -3.18
C LEU C 146 24.74 14.67 -3.49
N HIS C 147 24.00 15.77 -3.67
CA HIS C 147 24.63 17.05 -3.96
C HIS C 147 25.44 17.55 -2.78
N GLU C 148 24.99 17.29 -1.55
CA GLU C 148 25.79 17.63 -0.37
C GLU C 148 27.10 16.85 -0.35
N ASN C 149 27.09 15.61 -0.85
CA ASN C 149 28.29 14.80 -0.95
C ASN C 149 29.00 14.97 -2.29
N HIS C 150 28.69 16.05 -3.02
CA HIS C 150 29.40 16.42 -4.24
C HIS C 150 29.28 15.32 -5.31
N HIS C 151 28.04 14.89 -5.56
CA HIS C 151 27.75 13.93 -6.62
C HIS C 151 26.63 14.48 -7.49
N ILE C 152 26.78 14.33 -8.80
CA ILE C 152 25.74 14.65 -9.77
C ILE C 152 25.21 13.34 -10.31
N HIS C 153 23.88 13.17 -10.25
CA HIS C 153 23.28 11.90 -10.67
C HIS C 153 23.34 11.73 -12.17
N ARG C 154 22.89 12.73 -12.92
CA ARG C 154 22.89 12.81 -14.39
C ARG C 154 21.84 11.93 -15.05
N ASP C 155 20.98 11.27 -14.29
CA ASP C 155 19.91 10.47 -14.88
C ASP C 155 18.70 10.47 -13.95
N ILE C 156 18.34 11.63 -13.43
CA ILE C 156 17.17 11.74 -12.57
C ILE C 156 15.92 11.53 -13.41
N LYS C 157 15.13 10.51 -13.06
CA LYS C 157 13.88 10.22 -13.72
C LYS C 157 13.08 9.28 -12.82
N SER C 158 11.76 9.24 -13.08
CA SER C 158 10.87 8.50 -12.19
C SER C 158 11.16 7.00 -12.19
N ALA C 159 11.69 6.47 -13.29
CA ALA C 159 12.12 5.08 -13.30
C ALA C 159 13.26 4.83 -12.33
N ASN C 160 14.02 5.87 -11.99
CA ASN C 160 15.14 5.77 -11.05
C ASN C 160 14.79 6.30 -9.67
N ILE C 161 13.50 6.49 -9.39
CA ILE C 161 13.02 6.84 -8.06
C ILE C 161 12.18 5.65 -7.59
N LEU C 162 12.75 4.82 -6.72
CA LEU C 162 12.10 3.60 -6.29
C LEU C 162 11.38 3.80 -4.96
N LEU C 163 10.50 2.87 -4.64
CA LEU C 163 9.58 3.01 -3.52
C LEU C 163 9.59 1.74 -2.68
N ASP C 164 9.81 1.88 -1.38
CA ASP C 164 9.84 0.74 -0.47
C ASP C 164 8.41 0.38 -0.06
N GLU C 165 8.29 -0.47 0.96
CA GLU C 165 6.99 -0.94 1.40
C GLU C 165 6.10 0.20 1.89
N ALA C 166 6.70 1.21 2.52
CA ALA C 166 5.97 2.38 3.00
C ALA C 166 5.98 3.53 1.99
N PHE C 167 6.28 3.24 0.73
CA PHE C 167 6.33 4.23 -0.35
C PHE C 167 7.35 5.33 -0.05
N THR C 168 8.40 4.99 0.70
CA THR C 168 9.53 5.90 0.86
C THR C 168 10.34 5.92 -0.42
N ALA C 169 10.64 7.12 -0.93
CA ALA C 169 11.31 7.25 -2.22
C ALA C 169 12.81 7.10 -2.06
N LYS C 170 13.41 6.30 -2.95
CA LYS C 170 14.85 6.06 -2.94
C LYS C 170 15.42 6.25 -4.34
N ILE C 171 16.42 7.12 -4.44
CA ILE C 171 17.10 7.35 -5.72
C ILE C 171 17.96 6.14 -6.07
N SER C 172 17.99 5.80 -7.36
CA SER C 172 18.74 4.62 -7.81
C SER C 172 19.50 4.96 -9.09
N ASP C 173 20.29 3.98 -9.55
CA ASP C 173 21.07 4.07 -10.78
C ASP C 173 22.08 5.20 -10.73
N PHE C 174 23.26 4.92 -10.17
CA PHE C 174 24.34 5.90 -10.06
C PHE C 174 25.51 5.59 -10.99
N GLY C 175 25.28 4.77 -12.03
CA GLY C 175 26.35 4.43 -12.94
C GLY C 175 26.85 5.59 -13.77
N LEU C 176 26.04 6.62 -13.95
CA LEU C 176 26.43 7.80 -14.72
C LEU C 176 26.87 8.94 -13.81
N ALA C 177 26.97 8.70 -12.51
CA ALA C 177 27.24 9.77 -11.56
C ALA C 177 28.63 10.34 -11.75
N ARG C 178 28.75 11.66 -11.54
CA ARG C 178 30.02 12.36 -11.60
C ARG C 178 30.16 13.24 -10.36
N ALA C 179 31.40 13.58 -10.03
CA ALA C 179 31.68 14.41 -8.86
C ALA C 179 31.67 15.89 -9.22
N SER C 180 31.03 16.68 -8.38
CA SER C 180 30.94 18.13 -8.60
C SER C 180 32.12 18.85 -7.95
N TPO C 186 30.92 23.86 -14.01
CA TPO C 186 30.37 23.27 -15.23
CB TPO C 186 29.54 24.28 -15.99
CG2 TPO C 186 29.44 23.89 -17.46
OG1 TPO C 186 28.22 24.29 -15.44
P TPO C 186 28.15 25.30 -14.17
O1P TPO C 186 27.99 24.52 -12.92
O2P TPO C 186 29.49 26.18 -14.07
O3P TPO C 186 26.88 26.26 -14.31
C TPO C 186 31.51 22.71 -16.10
O TPO C 186 32.44 23.43 -16.46
N VAL C 187 31.40 21.43 -16.44
CA VAL C 187 32.44 20.68 -17.14
C VAL C 187 31.83 20.18 -18.46
N MET C 188 32.64 19.65 -19.37
CA MET C 188 32.12 19.09 -20.62
C MET C 188 32.58 17.65 -20.83
N TPO C 189 31.75 16.88 -21.53
CA TPO C 189 32.12 15.50 -21.90
CB TPO C 189 31.31 14.50 -21.10
CG2 TPO C 189 29.82 14.80 -21.24
OG1 TPO C 189 31.56 13.18 -21.62
P TPO C 189 32.75 12.53 -20.76
O1P TPO C 189 32.30 11.25 -20.17
O2P TPO C 189 33.20 13.52 -19.57
O3P TPO C 189 34.02 12.25 -21.72
C TPO C 189 31.92 15.27 -23.39
O TPO C 189 31.30 16.08 -24.09
N SEP C 190 32.45 14.15 -23.89
CA SEP C 190 32.36 13.80 -25.29
CB SEP C 190 33.74 13.40 -25.82
OG SEP C 190 34.61 13.11 -24.75
C SEP C 190 31.35 12.67 -25.52
O SEP C 190 30.98 12.37 -26.66
P SEP C 190 36.06 12.68 -25.30
O1P SEP C 190 36.75 13.91 -26.05
O2P SEP C 190 36.98 12.23 -24.05
O3P SEP C 190 35.89 11.44 -26.30
N ARG C 191 30.91 12.06 -24.43
CA ARG C 191 29.88 11.04 -24.48
C ARG C 191 28.63 11.52 -23.74
N ILE C 192 27.67 12.04 -24.49
CA ILE C 192 26.43 12.55 -23.90
C ILE C 192 25.56 11.37 -23.53
N VAL C 193 25.21 11.27 -22.24
CA VAL C 193 24.41 10.17 -21.73
C VAL C 193 23.27 10.72 -20.89
N GLY C 194 22.24 9.90 -20.73
CA GLY C 194 21.04 10.28 -20.01
C GLY C 194 19.80 9.89 -20.78
N THR C 195 18.65 10.26 -20.23
CA THR C 195 17.36 10.02 -20.85
C THR C 195 16.84 11.33 -21.43
N THR C 196 16.63 11.36 -22.74
CA THR C 196 16.44 12.63 -23.45
C THR C 196 15.21 13.39 -22.97
N ALA C 197 14.11 12.68 -22.70
CA ALA C 197 12.89 13.35 -22.30
C ALA C 197 13.00 14.07 -20.97
N TYR C 198 14.04 13.77 -20.19
CA TYR C 198 14.23 14.38 -18.88
C TYR C 198 15.39 15.37 -18.85
N MET C 199 16.22 15.42 -19.89
CA MET C 199 17.49 16.11 -19.81
C MET C 199 17.34 17.62 -19.99
N ALA C 200 18.21 18.36 -19.31
CA ALA C 200 18.28 19.79 -19.48
C ALA C 200 18.97 20.13 -20.80
N PRO C 201 18.76 21.33 -21.33
CA PRO C 201 19.42 21.69 -22.60
C PRO C 201 20.94 21.59 -22.55
N GLU C 202 21.56 22.06 -21.47
CA GLU C 202 23.02 22.00 -21.38
C GLU C 202 23.51 20.56 -21.28
N ALA C 203 22.73 19.67 -20.65
CA ALA C 203 23.13 18.27 -20.56
C ALA C 203 23.05 17.57 -21.91
N LEU C 204 22.08 17.96 -22.74
CA LEU C 204 22.02 17.47 -24.12
C LEU C 204 23.20 17.95 -24.96
N ARG C 205 23.94 18.94 -24.49
CA ARG C 205 25.08 19.49 -25.21
C ARG C 205 26.41 19.11 -24.60
N GLY C 206 26.42 18.27 -23.56
CA GLY C 206 27.66 17.80 -22.96
C GLY C 206 28.05 18.47 -21.67
N GLU C 207 27.33 19.49 -21.22
CA GLU C 207 27.64 20.13 -19.95
C GLU C 207 27.31 19.20 -18.79
N ILE C 208 28.12 19.29 -17.73
CA ILE C 208 27.93 18.49 -16.53
C ILE C 208 27.87 19.45 -15.35
N THR C 209 26.68 19.62 -14.78
CA THR C 209 26.44 20.53 -13.68
C THR C 209 25.34 19.97 -12.79
N PRO C 210 25.41 20.20 -11.48
CA PRO C 210 24.32 19.75 -10.58
C PRO C 210 23.00 20.42 -10.87
N LYS C 211 22.99 21.55 -11.58
CA LYS C 211 21.75 22.22 -11.93
C LYS C 211 20.94 21.43 -12.95
N SER C 212 21.58 20.53 -13.71
CA SER C 212 20.85 19.66 -14.63
C SER C 212 20.01 18.63 -13.89
N ASP C 213 20.47 18.20 -12.71
CA ASP C 213 19.66 17.31 -11.88
C ASP C 213 18.37 17.99 -11.45
N ILE C 214 18.45 19.28 -11.13
CA ILE C 214 17.25 20.03 -10.73
C ILE C 214 16.26 20.10 -11.88
N TYR C 215 16.76 20.29 -13.10
CA TYR C 215 15.88 20.33 -14.27
C TYR C 215 15.15 19.01 -14.45
N SER C 216 15.89 17.90 -14.39
CA SER C 216 15.26 16.59 -14.55
C SER C 216 14.27 16.31 -13.42
N PHE C 217 14.54 16.81 -12.21
CA PHE C 217 13.58 16.64 -11.13
C PHE C 217 12.32 17.47 -11.37
N GLY C 218 12.45 18.61 -12.05
CA GLY C 218 11.27 19.36 -12.44
C GLY C 218 10.37 18.57 -13.37
N VAL C 219 10.97 17.83 -14.30
CA VAL C 219 10.19 16.94 -15.16
C VAL C 219 9.49 15.87 -14.32
N VAL C 220 10.20 15.32 -13.33
CA VAL C 220 9.59 14.32 -12.45
C VAL C 220 8.38 14.90 -11.74
N LEU C 221 8.50 16.13 -11.23
CA LEU C 221 7.36 16.78 -10.58
C LEU C 221 6.19 16.94 -11.53
N LEU C 222 6.47 17.18 -12.82
CA LEU C 222 5.39 17.22 -13.81
C LEU C 222 4.75 15.85 -13.97
N GLU C 223 5.54 14.77 -13.93
CA GLU C 223 4.99 13.43 -14.03
C GLU C 223 4.12 13.11 -12.83
N ILE C 224 4.53 13.56 -11.64
CA ILE C 224 3.76 13.29 -10.43
C ILE C 224 2.42 14.01 -10.48
N ILE C 225 2.41 15.27 -10.91
CA ILE C 225 1.17 16.04 -10.96
C ILE C 225 0.22 15.46 -12.00
N THR C 226 0.75 15.13 -13.19
CA THR C 226 -0.09 14.79 -14.32
C THR C 226 -0.32 13.29 -14.49
N GLY C 227 0.52 12.45 -13.88
CA GLY C 227 0.45 11.03 -14.14
C GLY C 227 0.90 10.62 -15.53
N LEU C 228 1.46 11.56 -16.31
CA LEU C 228 1.89 11.32 -17.68
C LEU C 228 3.40 11.11 -17.72
N PRO C 229 3.89 10.11 -18.44
CA PRO C 229 5.33 9.93 -18.57
C PRO C 229 5.95 11.05 -19.40
N ALA C 230 7.25 11.27 -19.17
CA ALA C 230 7.94 12.38 -19.83
C ALA C 230 7.88 12.26 -21.35
N VAL C 231 7.94 11.03 -21.87
CA VAL C 231 7.81 10.80 -23.30
C VAL C 231 6.81 9.66 -23.51
N ASP C 232 5.90 9.85 -24.46
CA ASP C 232 4.96 8.81 -24.88
C ASP C 232 4.86 8.91 -26.40
N GLU C 233 5.33 7.86 -27.08
CA GLU C 233 5.40 7.90 -28.54
C GLU C 233 4.02 8.01 -29.18
N HIS C 234 2.99 7.50 -28.50
CA HIS C 234 1.62 7.52 -29.02
C HIS C 234 0.80 8.65 -28.42
N ARG C 235 1.44 9.66 -27.85
CA ARG C 235 0.79 10.81 -27.27
C ARG C 235 1.13 12.07 -28.07
N GLU C 236 0.20 13.01 -28.11
CA GLU C 236 0.42 14.31 -28.74
C GLU C 236 0.16 15.41 -27.73
N PRO C 237 1.17 16.19 -27.32
CA PRO C 237 2.59 16.10 -27.72
C PRO C 237 3.28 14.88 -27.10
N GLN C 238 4.35 14.40 -27.73
CA GLN C 238 5.05 13.24 -27.19
C GLN C 238 5.85 13.57 -25.95
N LEU C 239 6.38 14.78 -25.86
CA LEU C 239 7.24 15.20 -24.75
C LEU C 239 6.43 16.02 -23.76
N LEU C 240 6.48 15.61 -22.49
CA LEU C 240 5.77 16.33 -21.44
C LEU C 240 6.27 17.76 -21.27
N LEU C 241 7.51 18.04 -21.68
CA LEU C 241 8.01 19.42 -21.63
C LEU C 241 7.23 20.33 -22.55
N ASP C 242 6.72 19.81 -23.67
CA ASP C 242 5.90 20.61 -24.56
C ASP C 242 4.60 21.03 -23.88
N ILE C 243 4.04 20.16 -23.04
CA ILE C 243 2.82 20.48 -22.31
C ILE C 243 3.04 21.66 -21.37
N LYS C 244 4.24 21.76 -20.79
CA LYS C 244 4.52 22.89 -19.89
C LYS C 244 4.44 24.21 -20.62
N GLU C 245 4.92 24.26 -21.87
CA GLU C 245 4.92 25.52 -22.61
C GLU C 245 3.52 25.92 -23.03
N GLU C 246 2.62 24.95 -23.26
CA GLU C 246 1.23 25.28 -23.51
C GLU C 246 0.60 25.97 -22.30
N ILE C 247 0.99 25.53 -21.10
CA ILE C 247 0.51 26.20 -19.89
C ILE C 247 1.17 27.58 -19.74
N GLU C 248 2.47 27.66 -20.00
CA GLU C 248 3.18 28.91 -19.80
C GLU C 248 2.79 29.97 -20.82
N ASP C 249 2.43 29.56 -22.04
CA ASP C 249 1.92 30.48 -23.05
C ASP C 249 0.40 30.61 -22.99
N GLU C 250 -0.23 30.07 -21.95
CA GLU C 250 -1.64 30.24 -21.63
C GLU C 250 -2.58 29.52 -22.60
N GLU C 251 -2.10 28.50 -23.32
CA GLU C 251 -3.02 27.65 -24.07
C GLU C 251 -3.86 26.80 -23.12
N LYS C 252 -3.27 26.35 -22.03
CA LYS C 252 -3.93 25.49 -21.06
C LYS C 252 -3.51 25.92 -19.66
N THR C 253 -4.05 25.23 -18.66
CA THR C 253 -3.67 25.44 -17.27
C THR C 253 -3.20 24.12 -16.68
N ILE C 254 -2.54 24.20 -15.53
CA ILE C 254 -2.06 22.99 -14.86
C ILE C 254 -3.25 22.16 -14.38
N GLU C 255 -4.41 22.79 -14.14
CA GLU C 255 -5.59 22.06 -13.72
C GLU C 255 -6.13 21.17 -14.84
N ASP C 256 -5.94 21.57 -16.09
CA ASP C 256 -6.38 20.75 -17.21
C ASP C 256 -5.62 19.43 -17.29
N TYR C 257 -4.43 19.35 -16.70
CA TYR C 257 -3.58 18.17 -16.83
C TYR C 257 -3.36 17.45 -15.51
N ILE C 258 -4.01 17.89 -14.42
CA ILE C 258 -3.91 17.17 -13.15
C ILE C 258 -4.37 15.73 -13.36
N ASP C 259 -3.60 14.78 -12.83
CA ASP C 259 -3.93 13.36 -12.96
C ASP C 259 -5.33 13.11 -12.40
N LYS C 260 -6.24 12.68 -13.27
CA LYS C 260 -7.61 12.41 -12.87
C LYS C 260 -7.74 11.14 -12.03
N LYS C 261 -6.67 10.36 -11.90
CA LYS C 261 -6.69 9.14 -11.08
C LYS C 261 -6.41 9.49 -9.62
N MET C 262 -6.75 10.71 -9.22
CA MET C 262 -6.66 11.17 -7.85
C MET C 262 -8.02 11.68 -7.40
N ASN C 263 -8.22 11.74 -6.09
CA ASN C 263 -9.43 12.30 -5.51
C ASN C 263 -9.13 13.22 -4.33
N ASP C 264 -7.87 13.51 -4.07
CA ASP C 264 -7.46 14.28 -2.90
C ASP C 264 -6.45 15.37 -3.27
N ALA C 265 -6.49 15.85 -4.51
CA ALA C 265 -5.53 16.84 -5.00
C ALA C 265 -6.19 18.21 -4.95
N ASP C 266 -5.98 18.92 -3.84
CA ASP C 266 -6.46 20.29 -3.75
C ASP C 266 -5.63 21.20 -4.66
N SER C 267 -6.31 22.21 -5.23
CA SER C 267 -5.70 23.01 -6.29
C SER C 267 -4.51 23.82 -5.77
N THR C 268 -4.62 24.36 -4.54
CA THR C 268 -3.53 25.16 -3.99
C THR C 268 -2.26 24.32 -3.83
N SER C 269 -2.40 23.06 -3.43
CA SER C 269 -1.24 22.20 -3.26
C SER C 269 -0.64 21.82 -4.60
N VAL C 270 -1.49 21.53 -5.60
CA VAL C 270 -0.98 21.17 -6.91
C VAL C 270 -0.26 22.35 -7.57
N GLU C 271 -0.89 23.52 -7.55
CA GLU C 271 -0.26 24.71 -8.11
C GLU C 271 1.04 25.06 -7.39
N ALA C 272 1.15 24.67 -6.12
CA ALA C 272 2.40 24.88 -5.40
C ALA C 272 3.52 23.98 -5.92
N MET C 273 3.18 22.75 -6.31
CA MET C 273 4.19 21.86 -6.87
C MET C 273 4.53 22.19 -8.31
N TYR C 274 3.54 22.66 -9.08
CA TYR C 274 3.85 23.15 -10.42
C TYR C 274 4.76 24.37 -10.37
N SER C 275 4.59 25.20 -9.35
CA SER C 275 5.46 26.37 -9.20
C SER C 275 6.89 25.94 -8.91
N VAL C 276 7.08 24.94 -8.05
CA VAL C 276 8.41 24.40 -7.82
C VAL C 276 8.97 23.78 -9.09
N ALA C 277 8.13 23.01 -9.80
CA ALA C 277 8.55 22.41 -11.06
C ALA C 277 8.90 23.49 -12.08
N SER C 278 8.08 24.54 -12.17
CA SER C 278 8.36 25.62 -13.12
C SER C 278 9.68 26.32 -12.80
N GLN C 279 10.03 26.42 -11.52
CA GLN C 279 11.33 26.98 -11.16
C GLN C 279 12.46 26.06 -11.59
N CYS C 280 12.29 24.75 -11.38
CA CYS C 280 13.33 23.80 -11.76
C CYS C 280 13.51 23.74 -13.26
N LEU C 281 12.46 24.01 -14.04
CA LEU C 281 12.48 23.85 -15.49
C LEU C 281 12.90 25.12 -16.22
N HIS C 282 13.52 26.08 -15.53
CA HIS C 282 14.15 27.20 -16.20
C HIS C 282 15.22 26.68 -17.14
N GLU C 283 15.19 27.14 -18.39
CA GLU C 283 16.18 26.70 -19.36
C GLU C 283 17.57 27.26 -19.04
N LYS C 284 17.64 28.42 -18.39
CA LYS C 284 18.90 28.97 -17.91
C LYS C 284 19.18 28.37 -16.54
N LYS C 285 20.23 27.55 -16.46
CA LYS C 285 20.55 26.81 -15.24
C LYS C 285 20.81 27.71 -14.04
N ASN C 286 21.23 28.96 -14.27
CA ASN C 286 21.64 29.82 -13.18
C ASN C 286 20.47 30.46 -12.45
N LYS C 287 19.29 30.50 -13.05
CA LYS C 287 18.08 30.94 -12.36
C LYS C 287 17.25 29.78 -11.82
N ARG C 288 17.70 28.54 -12.04
CA ARG C 288 17.06 27.39 -11.41
C ARG C 288 17.41 27.37 -9.93
N PRO C 289 16.50 26.92 -9.07
CA PRO C 289 16.81 26.84 -7.64
C PRO C 289 17.74 25.67 -7.33
N ASP C 290 18.50 25.82 -6.25
CA ASP C 290 19.32 24.71 -5.78
C ASP C 290 18.44 23.66 -5.10
N ILE C 291 19.05 22.52 -4.79
CA ILE C 291 18.29 21.42 -4.21
C ILE C 291 17.80 21.76 -2.80
N LYS C 292 18.55 22.59 -2.07
CA LYS C 292 18.10 23.01 -0.74
C LYS C 292 16.89 23.93 -0.84
N LYS C 293 16.85 24.80 -1.84
CA LYS C 293 15.68 25.64 -2.07
C LYS C 293 14.47 24.80 -2.45
N VAL C 294 14.65 23.82 -3.34
CA VAL C 294 13.56 22.93 -3.72
C VAL C 294 13.06 22.16 -2.50
N GLN C 295 13.99 21.77 -1.62
CA GLN C 295 13.61 21.06 -0.40
C GLN C 295 12.67 21.89 0.46
N GLN C 296 13.04 23.16 0.68
CA GLN C 296 12.22 24.02 1.53
C GLN C 296 10.87 24.33 0.89
N LEU C 297 10.82 24.43 -0.44
CA LEU C 297 9.56 24.73 -1.11
C LEU C 297 8.59 23.56 -1.01
N LEU C 298 9.07 22.34 -1.20
CA LEU C 298 8.21 21.17 -1.05
C LEU C 298 7.81 20.94 0.40
N GLN C 299 8.62 21.42 1.34
CA GLN C 299 8.26 21.30 2.75
C GLN C 299 7.11 22.25 3.10
N GLU C 300 7.20 23.49 2.65
CA GLU C 300 6.14 24.47 2.93
C GLU C 300 4.83 24.11 2.26
N MET C 301 4.85 23.25 1.25
CA MET C 301 3.62 22.85 0.57
C MET C 301 2.75 21.98 1.46
N THR C 302 3.37 21.12 2.28
CA THR C 302 2.64 20.22 3.14
C THR C 302 2.20 20.92 4.43
N PHE D 9 -43.74 1.52 -11.54
CA PHE D 9 -42.74 2.57 -11.31
C PHE D 9 -43.33 3.70 -10.47
N HIS D 10 -42.59 4.11 -9.44
CA HIS D 10 -43.05 5.15 -8.54
C HIS D 10 -42.95 6.52 -9.21
N SER D 11 -44.03 7.29 -9.15
CA SER D 11 -44.06 8.63 -9.72
C SER D 11 -43.62 9.63 -8.65
N PHE D 12 -42.53 10.34 -8.90
CA PHE D 12 -42.03 11.36 -8.02
C PHE D 12 -42.45 12.74 -8.52
N SER D 13 -42.71 13.66 -7.61
CA SER D 13 -42.88 15.04 -8.03
C SER D 13 -41.51 15.69 -8.09
N PHE D 14 -41.41 16.77 -8.87
CA PHE D 14 -40.12 17.41 -9.06
C PHE D 14 -39.57 17.94 -7.73
N TYR D 15 -40.44 18.46 -6.87
CA TYR D 15 -39.97 19.02 -5.61
C TYR D 15 -39.46 17.95 -4.65
N GLU D 16 -40.06 16.76 -4.66
CA GLU D 16 -39.49 15.67 -3.86
C GLU D 16 -38.12 15.25 -4.36
N LEU D 17 -37.89 15.32 -5.68
CA LEU D 17 -36.58 15.00 -6.22
C LEU D 17 -35.54 16.06 -5.87
N LYS D 18 -35.96 17.30 -5.59
CA LYS D 18 -35.02 18.29 -5.07
C LYS D 18 -34.61 17.96 -3.65
N ASN D 19 -35.56 17.48 -2.83
CA ASN D 19 -35.23 17.02 -1.49
C ASN D 19 -34.38 15.75 -1.51
N VAL D 20 -34.33 15.06 -2.64
CA VAL D 20 -33.52 13.86 -2.77
C VAL D 20 -32.10 14.19 -3.23
N THR D 21 -31.96 15.19 -4.10
CA THR D 21 -30.69 15.49 -4.75
C THR D 21 -30.05 16.78 -4.23
N ASN D 22 -30.42 17.22 -3.03
CA ASN D 22 -29.96 18.50 -2.48
C ASN D 22 -30.25 19.64 -3.44
N ASN D 23 -31.51 19.73 -3.87
CA ASN D 23 -31.99 20.77 -4.78
C ASN D 23 -31.25 20.74 -6.12
N PHE D 24 -30.86 19.53 -6.56
CA PHE D 24 -30.13 19.33 -7.80
C PHE D 24 -28.86 20.17 -7.85
N ASP D 25 -27.92 19.78 -6.98
CA ASP D 25 -26.65 20.47 -6.85
C ASP D 25 -25.72 20.06 -7.98
N GLU D 26 -25.23 21.05 -8.73
CA GLU D 26 -24.39 20.79 -9.90
C GLU D 26 -22.93 20.50 -9.56
N ARG D 27 -22.53 20.68 -8.31
CA ARG D 27 -21.13 20.47 -7.95
C ARG D 27 -20.80 18.98 -7.98
N PRO D 28 -19.62 18.61 -8.45
CA PRO D 28 -19.21 17.20 -8.42
C PRO D 28 -19.22 16.64 -7.00
N ILE D 29 -19.12 15.32 -6.91
CA ILE D 29 -19.15 14.60 -5.64
C ILE D 29 -17.96 15.00 -4.76
N GLY D 33 -21.35 18.05 -3.11
CA GLY D 33 -21.95 18.13 -4.42
C GLY D 33 -22.79 16.90 -4.78
N ASN D 34 -23.54 16.98 -5.88
CA ASN D 34 -24.44 15.92 -6.27
C ASN D 34 -24.31 15.46 -7.72
N LYS D 35 -23.54 16.16 -8.55
CA LYS D 35 -23.43 15.82 -9.97
C LYS D 35 -22.51 14.62 -10.20
N MET D 36 -23.07 13.57 -10.79
CA MET D 36 -22.31 12.35 -11.07
C MET D 36 -21.87 12.21 -12.52
N GLY D 37 -22.45 12.97 -13.43
CA GLY D 37 -22.10 12.86 -14.83
C GLY D 37 -23.16 13.46 -15.71
N GLU D 38 -22.79 13.66 -16.98
CA GLU D 38 -23.70 14.24 -17.96
C GLU D 38 -23.58 13.48 -19.27
N GLY D 39 -24.58 13.69 -20.13
CA GLY D 39 -24.57 13.14 -21.46
C GLY D 39 -25.24 14.08 -22.44
N GLY D 40 -25.56 13.60 -23.64
CA GLY D 40 -26.27 14.43 -24.59
C GLY D 40 -27.72 14.68 -24.24
N PHE D 41 -28.23 14.04 -23.19
CA PHE D 41 -29.64 14.14 -22.83
C PHE D 41 -29.89 14.77 -21.46
N GLY D 42 -28.86 14.96 -20.64
CA GLY D 42 -29.06 15.61 -19.36
C GLY D 42 -27.96 15.23 -18.37
N VAL D 43 -28.16 15.68 -17.13
CA VAL D 43 -27.21 15.50 -16.04
C VAL D 43 -27.77 14.47 -15.07
N VAL D 44 -26.89 13.62 -14.54
CA VAL D 44 -27.25 12.60 -13.56
C VAL D 44 -26.81 13.07 -12.19
N TYR D 45 -27.71 13.00 -11.21
CA TYR D 45 -27.45 13.46 -9.86
C TYR D 45 -27.57 12.29 -8.88
N LYS D 46 -26.74 12.31 -7.85
CA LYS D 46 -26.86 11.35 -6.76
C LYS D 46 -27.98 11.76 -5.82
N GLY D 47 -28.67 10.76 -5.27
CA GLY D 47 -29.79 11.03 -4.38
C GLY D 47 -30.00 9.91 -3.40
N TYR D 48 -30.88 10.16 -2.44
CA TYR D 48 -31.23 9.20 -1.40
C TYR D 48 -32.74 9.22 -1.19
N VAL D 49 -33.39 8.11 -1.49
CA VAL D 49 -34.79 7.89 -1.12
C VAL D 49 -34.82 6.75 -0.10
N ASN D 50 -35.41 7.02 1.06
CA ASN D 50 -35.44 6.08 2.19
C ASN D 50 -33.99 5.68 2.48
N ASN D 51 -33.66 4.39 2.54
CA ASN D 51 -32.29 3.94 2.72
C ASN D 51 -31.68 3.44 1.42
N THR D 52 -32.20 3.88 0.27
CA THR D 52 -31.73 3.45 -1.04
C THR D 52 -31.10 4.63 -1.75
N THR D 53 -29.82 4.52 -2.07
CA THR D 53 -29.16 5.52 -2.88
C THR D 53 -29.61 5.39 -4.33
N VAL D 54 -29.91 6.51 -4.97
CA VAL D 54 -30.46 6.53 -6.31
C VAL D 54 -29.65 7.45 -7.21
N ALA D 55 -29.88 7.32 -8.51
CA ALA D 55 -29.36 8.22 -9.52
C ALA D 55 -30.54 8.87 -10.23
N VAL D 56 -30.59 10.20 -10.22
CA VAL D 56 -31.67 10.95 -10.85
C VAL D 56 -31.12 11.63 -12.09
N LYS D 57 -31.62 11.25 -13.26
CA LYS D 57 -31.22 11.84 -14.53
C LYS D 57 -32.21 12.94 -14.88
N LYS D 58 -31.76 14.19 -14.81
CA LYS D 58 -32.59 15.34 -15.18
C LYS D 58 -32.34 15.65 -16.65
N LEU D 59 -33.38 15.47 -17.47
CA LEU D 59 -33.25 15.63 -18.91
C LEU D 59 -33.26 17.10 -19.32
N THR D 67 -38.03 19.64 -27.78
CA THR D 67 -38.75 19.24 -26.57
C THR D 67 -39.45 17.91 -26.79
N GLU D 68 -40.06 17.75 -27.96
CA GLU D 68 -40.60 16.44 -28.33
C GLU D 68 -39.50 15.38 -28.40
N GLU D 69 -38.25 15.81 -28.66
CA GLU D 69 -37.13 14.87 -28.64
C GLU D 69 -36.96 14.26 -27.26
N LEU D 70 -36.79 15.10 -26.23
CA LEU D 70 -36.60 14.60 -24.87
C LEU D 70 -37.83 13.86 -24.38
N LYS D 71 -39.02 14.33 -24.75
CA LYS D 71 -40.24 13.59 -24.44
C LYS D 71 -40.23 12.22 -25.11
N GLN D 72 -39.63 12.11 -26.30
CA GLN D 72 -39.57 10.84 -27.00
C GLN D 72 -38.54 9.89 -26.40
N GLN D 73 -37.45 10.43 -25.86
CA GLN D 73 -36.48 9.58 -25.17
C GLN D 73 -37.06 9.06 -23.86
N PHE D 74 -37.73 9.94 -23.12
CA PHE D 74 -38.32 9.62 -21.83
C PHE D 74 -39.30 8.45 -21.93
N ASP D 75 -40.20 8.50 -22.92
CA ASP D 75 -41.25 7.49 -22.99
C ASP D 75 -40.69 6.13 -23.39
N GLN D 76 -39.68 6.10 -24.28
CA GLN D 76 -39.07 4.82 -24.64
C GLN D 76 -38.29 4.25 -23.46
N GLU D 77 -37.64 5.12 -22.67
CA GLU D 77 -36.88 4.65 -21.51
C GLU D 77 -37.77 3.90 -20.53
N ILE D 78 -38.91 4.49 -20.18
CA ILE D 78 -39.85 3.80 -19.30
C ILE D 78 -40.47 2.61 -20.01
N LYS D 79 -40.62 2.68 -21.34
CA LYS D 79 -41.23 1.60 -22.10
C LYS D 79 -40.32 0.37 -22.12
N VAL D 80 -39.08 0.54 -22.57
CA VAL D 80 -38.15 -0.58 -22.65
C VAL D 80 -37.91 -1.17 -21.27
N MET D 81 -37.85 -0.33 -20.24
CA MET D 81 -37.58 -0.81 -18.89
C MET D 81 -38.78 -1.48 -18.24
N ALA D 82 -39.92 -1.54 -18.92
CA ALA D 82 -41.10 -2.20 -18.36
C ALA D 82 -41.27 -3.60 -18.94
N HIS D 86 -34.12 -7.25 -16.46
CA HIS D 86 -32.97 -8.12 -16.66
C HIS D 86 -31.84 -7.77 -15.69
N GLU D 87 -30.97 -8.75 -15.45
CA GLU D 87 -29.89 -8.60 -14.48
C GLU D 87 -28.74 -7.75 -15.00
N ASN D 88 -28.67 -7.52 -16.31
CA ASN D 88 -27.61 -6.73 -16.92
C ASN D 88 -28.14 -5.44 -17.53
N LEU D 89 -29.26 -4.95 -17.02
CA LEU D 89 -29.78 -3.63 -17.33
C LEU D 89 -29.95 -2.84 -16.04
N VAL D 90 -29.71 -1.53 -16.12
CA VAL D 90 -29.96 -0.69 -14.96
C VAL D 90 -31.44 -0.77 -14.60
N GLU D 91 -31.73 -0.62 -13.31
CA GLU D 91 -33.09 -0.75 -12.80
C GLU D 91 -33.70 0.63 -12.63
N LEU D 92 -34.80 0.87 -13.35
CA LEU D 92 -35.52 2.14 -13.23
C LEU D 92 -36.48 2.06 -12.05
N LEU D 93 -36.29 2.94 -11.08
CA LEU D 93 -37.16 2.99 -9.92
C LEU D 93 -38.40 3.85 -10.15
N GLY D 94 -38.23 4.99 -10.80
CA GLY D 94 -39.35 5.86 -11.03
C GLY D 94 -39.03 6.95 -12.03
N PHE D 95 -39.90 7.96 -12.04
CA PHE D 95 -39.80 9.03 -13.03
C PHE D 95 -40.49 10.27 -12.48
N SER D 96 -40.36 11.36 -13.22
CA SER D 96 -40.98 12.63 -12.83
C SER D 96 -41.34 13.42 -14.08
N SER D 97 -42.59 13.85 -14.16
CA SER D 97 -43.04 14.67 -15.27
C SER D 97 -43.94 15.83 -14.85
N ASP D 98 -44.17 16.01 -13.54
CA ASP D 98 -45.03 17.09 -13.08
C ASP D 98 -44.36 18.45 -13.25
N GLY D 99 -43.04 18.51 -13.12
CA GLY D 99 -42.30 19.73 -13.39
C GLY D 99 -42.11 19.93 -14.88
N ASP D 100 -41.25 20.88 -15.21
CA ASP D 100 -40.91 21.14 -16.61
C ASP D 100 -39.71 20.34 -17.08
N ASP D 101 -38.94 19.74 -16.16
CA ASP D 101 -37.80 18.90 -16.50
C ASP D 101 -38.19 17.46 -16.20
N LEU D 102 -38.31 16.64 -17.24
CA LEU D 102 -38.53 15.22 -17.05
C LEU D 102 -37.34 14.61 -16.31
N CYS D 103 -37.63 13.66 -15.42
CA CYS D 103 -36.59 13.04 -14.61
C CYS D 103 -36.81 11.54 -14.57
N LEU D 104 -35.70 10.80 -14.54
CA LEU D 104 -35.71 9.36 -14.41
C LEU D 104 -34.91 8.97 -13.18
N VAL D 105 -35.45 8.05 -12.38
CA VAL D 105 -34.84 7.64 -11.12
C VAL D 105 -34.43 6.17 -11.25
N TYR D 106 -33.14 5.91 -11.10
CA TYR D 106 -32.58 4.56 -11.16
C TYR D 106 -31.93 4.22 -9.83
N VAL D 107 -31.61 2.93 -9.67
CA VAL D 107 -30.77 2.50 -8.56
C VAL D 107 -29.34 2.97 -8.80
N TYR D 108 -28.75 3.61 -7.79
CA TYR D 108 -27.40 4.16 -7.91
C TYR D 108 -26.39 3.04 -8.07
N MET D 109 -25.47 3.21 -9.02
CA MET D 109 -24.45 2.20 -9.31
C MET D 109 -23.18 2.54 -8.56
N PRO D 110 -22.80 1.79 -7.52
CA PRO D 110 -21.68 2.23 -6.67
C PRO D 110 -20.33 2.22 -7.37
N ASN D 111 -20.19 1.56 -8.51
CA ASN D 111 -18.91 1.50 -9.21
C ASN D 111 -18.94 2.24 -10.54
N GLY D 112 -19.93 3.11 -10.76
CA GLY D 112 -19.96 4.00 -11.90
C GLY D 112 -19.98 3.28 -13.22
N SER D 113 -19.37 3.92 -14.22
CA SER D 113 -19.36 3.40 -15.58
C SER D 113 -18.09 2.59 -15.84
N LEU D 114 -18.19 1.68 -16.81
CA LEU D 114 -17.02 0.94 -17.26
C LEU D 114 -15.94 1.87 -17.79
N LEU D 115 -16.34 2.97 -18.45
CA LEU D 115 -15.37 3.89 -19.01
C LEU D 115 -14.49 4.50 -17.92
N ASP D 116 -15.10 4.97 -16.83
CA ASP D 116 -14.34 5.63 -15.77
C ASP D 116 -13.52 4.63 -14.97
N ARG D 117 -13.99 3.39 -14.85
CA ARG D 117 -13.18 2.38 -14.17
C ARG D 117 -12.02 1.92 -15.02
N LEU D 118 -12.18 1.90 -16.35
CA LEU D 118 -11.07 1.57 -17.22
C LEU D 118 -10.01 2.66 -17.22
N SER D 119 -10.41 3.90 -16.95
CA SER D 119 -9.47 5.01 -16.80
C SER D 119 -9.07 5.24 -15.34
N CYS D 120 -9.64 4.47 -14.41
CA CYS D 120 -9.34 4.61 -12.99
C CYS D 120 -9.63 6.02 -12.48
N LEU D 121 -10.74 6.59 -12.97
CA LEU D 121 -11.13 7.93 -12.55
C LEU D 121 -11.40 7.96 -11.05
N ASP D 122 -10.92 9.02 -10.41
CA ASP D 122 -11.06 9.26 -8.97
C ASP D 122 -10.27 8.28 -8.12
N GLY D 123 -9.24 7.67 -8.70
CA GLY D 123 -8.35 6.83 -7.91
C GLY D 123 -8.81 5.41 -7.69
N THR D 124 -9.77 4.93 -8.46
CA THR D 124 -10.24 3.56 -8.28
C THR D 124 -9.19 2.58 -8.77
N PRO D 125 -9.04 1.43 -8.11
CA PRO D 125 -8.04 0.46 -8.55
C PRO D 125 -8.40 -0.09 -9.92
N PRO D 126 -7.40 -0.40 -10.75
CA PRO D 126 -7.69 -0.91 -12.09
C PRO D 126 -8.40 -2.26 -12.04
N LEU D 127 -9.28 -2.47 -13.01
CA LEU D 127 -10.02 -3.73 -13.09
C LEU D 127 -9.09 -4.86 -13.52
N SER D 128 -9.27 -6.02 -12.92
CA SER D 128 -8.51 -7.19 -13.33
C SER D 128 -9.07 -7.75 -14.64
N TRP D 129 -8.27 -8.58 -15.29
CA TRP D 129 -8.73 -9.25 -16.50
C TRP D 129 -9.90 -10.19 -16.18
N HIS D 130 -9.88 -10.81 -15.00
CA HIS D 130 -11.00 -11.65 -14.59
C HIS D 130 -12.28 -10.83 -14.46
N MET D 131 -12.19 -9.65 -13.85
CA MET D 131 -13.38 -8.79 -13.74
C MET D 131 -13.81 -8.28 -15.11
N ARG D 132 -12.86 -7.97 -15.99
CA ARG D 132 -13.21 -7.47 -17.31
C ARG D 132 -13.95 -8.53 -18.14
N CYS D 133 -13.60 -9.80 -17.96
CA CYS D 133 -14.28 -10.86 -18.70
C CYS D 133 -15.72 -11.01 -18.25
N LYS D 134 -15.98 -10.93 -16.94
CA LYS D 134 -17.35 -10.98 -16.46
C LYS D 134 -18.15 -9.77 -16.94
N ILE D 135 -17.50 -8.60 -16.97
CA ILE D 135 -18.18 -7.39 -17.44
C ILE D 135 -18.52 -7.52 -18.92
N ALA D 136 -17.60 -8.06 -19.72
CA ALA D 136 -17.87 -8.24 -21.15
C ALA D 136 -18.99 -9.26 -21.38
N GLN D 137 -18.99 -10.35 -20.60
CA GLN D 137 -20.03 -11.35 -20.75
C GLN D 137 -21.39 -10.79 -20.32
N GLY D 138 -21.44 -10.07 -19.21
CA GLY D 138 -22.70 -9.52 -18.76
C GLY D 138 -23.27 -8.47 -19.70
N ALA D 139 -22.41 -7.60 -20.22
CA ALA D 139 -22.86 -6.60 -21.18
C ALA D 139 -23.44 -7.26 -22.42
N ALA D 140 -22.83 -8.35 -22.88
CA ALA D 140 -23.39 -9.08 -24.02
C ALA D 140 -24.74 -9.68 -23.67
N ASN D 141 -24.91 -10.15 -22.44
CA ASN D 141 -26.21 -10.66 -22.01
C ASN D 141 -27.24 -9.54 -21.93
N GLY D 142 -26.82 -8.32 -21.61
CA GLY D 142 -27.75 -7.20 -21.61
C GLY D 142 -28.19 -6.81 -23.00
N ILE D 143 -27.27 -6.84 -23.96
CA ILE D 143 -27.63 -6.55 -25.34
C ILE D 143 -28.56 -7.64 -25.89
N ASN D 144 -28.33 -8.89 -25.49
CA ASN D 144 -29.18 -9.99 -25.95
C ASN D 144 -30.60 -9.82 -25.45
N PHE D 145 -30.77 -9.35 -24.21
CA PHE D 145 -32.11 -9.12 -23.69
C PHE D 145 -32.84 -8.05 -24.49
N LEU D 146 -32.13 -6.98 -24.86
CA LEU D 146 -32.75 -5.92 -25.65
C LEU D 146 -33.08 -6.40 -27.06
N HIS D 147 -32.22 -7.23 -27.64
CA HIS D 147 -32.47 -7.74 -28.99
C HIS D 147 -33.54 -8.82 -28.99
N GLU D 148 -33.61 -9.65 -27.94
CA GLU D 148 -34.70 -10.60 -27.83
C GLU D 148 -36.05 -9.90 -27.75
N ASN D 149 -36.10 -8.73 -27.13
CA ASN D 149 -37.31 -7.93 -27.05
C ASN D 149 -37.42 -6.91 -28.18
N HIS D 150 -36.65 -7.11 -29.26
CA HIS D 150 -36.75 -6.29 -30.47
C HIS D 150 -36.51 -4.81 -30.17
N HIS D 151 -35.38 -4.54 -29.51
CA HIS D 151 -34.96 -3.18 -29.21
C HIS D 151 -33.52 -2.99 -29.62
N ILE D 152 -33.22 -1.83 -30.20
CA ILE D 152 -31.86 -1.47 -30.60
C ILE D 152 -31.40 -0.34 -29.70
N HIS D 153 -30.27 -0.53 -29.03
CA HIS D 153 -29.80 0.49 -28.08
C HIS D 153 -29.39 1.77 -28.79
N ARG D 154 -28.55 1.64 -29.83
CA ARG D 154 -28.08 2.73 -30.68
C ARG D 154 -27.12 3.68 -29.98
N ASP D 155 -26.68 3.36 -28.76
CA ASP D 155 -25.68 4.17 -28.07
C ASP D 155 -24.83 3.28 -27.15
N ILE D 156 -24.42 2.12 -27.66
CA ILE D 156 -23.61 1.20 -26.87
C ILE D 156 -22.19 1.75 -26.76
N LYS D 157 -21.75 2.00 -25.53
CA LYS D 157 -20.39 2.45 -25.27
C LYS D 157 -20.06 2.18 -23.81
N SER D 158 -18.79 2.31 -23.46
CA SER D 158 -18.35 2.02 -22.10
C SER D 158 -18.98 2.97 -21.09
N ALA D 159 -19.30 4.19 -21.50
CA ALA D 159 -19.97 5.12 -20.60
C ALA D 159 -21.40 4.69 -20.27
N ASN D 160 -22.00 3.86 -21.12
CA ASN D 160 -23.36 3.37 -20.90
C ASN D 160 -23.38 1.94 -20.36
N ILE D 161 -22.25 1.45 -19.87
CA ILE D 161 -22.16 0.16 -19.19
C ILE D 161 -21.75 0.47 -17.75
N LEU D 162 -22.70 0.38 -16.83
CA LEU D 162 -22.47 0.71 -15.43
C LEU D 162 -22.19 -0.56 -14.63
N LEU D 163 -21.65 -0.36 -13.42
CA LEU D 163 -21.14 -1.45 -12.60
C LEU D 163 -21.73 -1.35 -11.20
N ASP D 164 -22.34 -2.44 -10.74
CA ASP D 164 -23.06 -2.43 -9.47
C ASP D 164 -22.10 -2.77 -8.32
N GLU D 165 -22.65 -3.18 -7.18
CA GLU D 165 -21.84 -3.50 -6.00
C GLU D 165 -21.00 -4.75 -6.19
N ALA D 166 -21.34 -5.60 -7.17
CA ALA D 166 -20.57 -6.80 -7.47
C ALA D 166 -19.82 -6.66 -8.78
N PHE D 167 -19.70 -5.44 -9.30
CA PHE D 167 -19.08 -5.17 -10.60
C PHE D 167 -19.79 -5.92 -11.72
N THR D 168 -21.11 -6.06 -11.60
CA THR D 168 -21.92 -6.64 -12.65
C THR D 168 -22.27 -5.56 -13.67
N ALA D 169 -22.13 -5.88 -14.95
CA ALA D 169 -22.39 -4.91 -16.01
C ALA D 169 -23.88 -4.62 -16.12
N LYS D 170 -24.24 -3.34 -16.14
CA LYS D 170 -25.62 -2.90 -16.29
C LYS D 170 -25.69 -1.89 -17.42
N ILE D 171 -26.36 -2.25 -18.52
CA ILE D 171 -26.51 -1.34 -19.64
C ILE D 171 -27.48 -0.23 -19.27
N SER D 172 -27.15 1.00 -19.69
CA SER D 172 -27.94 2.19 -19.35
C SER D 172 -28.16 3.03 -20.60
N ASP D 173 -28.93 4.11 -20.42
CA ASP D 173 -29.18 5.11 -21.45
C ASP D 173 -29.86 4.50 -22.68
N PHE D 174 -31.15 4.18 -22.49
CA PHE D 174 -32.00 3.68 -23.56
C PHE D 174 -32.84 4.78 -24.19
N GLY D 175 -32.39 6.04 -24.10
CA GLY D 175 -33.16 7.14 -24.63
C GLY D 175 -33.18 7.21 -26.14
N LEU D 176 -32.08 6.85 -26.79
CA LEU D 176 -31.99 6.80 -28.24
C LEU D 176 -32.39 5.44 -28.80
N ALA D 177 -33.07 4.62 -28.01
CA ALA D 177 -33.37 3.25 -28.42
C ALA D 177 -34.55 3.20 -29.39
N ARG D 178 -34.48 2.23 -30.29
CA ARG D 178 -35.52 1.99 -31.29
C ARG D 178 -35.91 0.52 -31.27
N ALA D 179 -36.90 0.16 -32.09
CA ALA D 179 -37.40 -1.20 -32.17
C ALA D 179 -36.80 -1.92 -33.37
N SER D 180 -36.73 -3.25 -33.27
CA SER D 180 -36.17 -4.09 -34.31
C SER D 180 -37.27 -4.89 -35.00
N GLU D 181 -36.91 -5.56 -36.07
CA GLU D 181 -37.85 -6.38 -36.84
C GLU D 181 -37.11 -7.41 -37.68
N TPO D 186 -34.30 -3.04 -43.60
CA TPO D 186 -33.74 -2.22 -42.52
CB TPO D 186 -32.20 -2.45 -42.46
CG2 TPO D 186 -31.35 -1.27 -42.00
OG1 TPO D 186 -32.06 -3.55 -41.54
P TPO D 186 -30.69 -4.40 -41.70
O1P TPO D 186 -30.68 -5.35 -40.56
O2P TPO D 186 -30.62 -5.26 -43.06
O3P TPO D 186 -29.34 -3.53 -41.59
C TPO D 186 -34.12 -0.74 -42.75
O TPO D 186 -34.46 -0.35 -43.86
N VAL D 187 -34.07 0.06 -41.69
CA VAL D 187 -34.66 1.39 -41.65
C VAL D 187 -33.58 2.49 -41.78
N MET D 188 -33.96 3.65 -42.31
CA MET D 188 -33.07 4.80 -42.39
C MET D 188 -33.67 6.05 -41.72
N TPO D 189 -32.82 6.87 -41.12
CA TPO D 189 -33.26 8.12 -40.49
CB TPO D 189 -33.20 8.01 -38.97
CG2 TPO D 189 -31.81 7.56 -38.54
OG1 TPO D 189 -33.45 9.31 -38.42
P TPO D 189 -34.82 9.24 -37.57
O1P TPO D 189 -34.51 9.37 -36.13
O2P TPO D 189 -35.54 7.83 -37.83
O3P TPO D 189 -35.79 10.43 -38.04
C TPO D 189 -32.45 9.33 -40.97
O TPO D 189 -31.45 9.18 -41.66
N SEP D 190 -32.91 10.52 -40.59
CA SEP D 190 -32.25 11.76 -40.99
CB SEP D 190 -33.29 12.77 -41.49
OG SEP D 190 -34.22 13.09 -40.47
C SEP D 190 -31.45 12.37 -39.84
O SEP D 190 -30.43 13.02 -40.06
P SEP D 190 -35.70 12.62 -40.90
O1P SEP D 190 -36.73 12.92 -39.69
O2P SEP D 190 -36.17 13.43 -42.21
O3P SEP D 190 -35.69 11.04 -41.21
N ARG D 191 -31.90 12.13 -38.62
CA ARG D 191 -31.21 12.63 -37.43
C ARG D 191 -30.23 11.58 -36.91
N ILE D 192 -29.01 11.61 -37.43
CA ILE D 192 -27.98 10.65 -37.04
C ILE D 192 -27.50 10.99 -35.63
N VAL D 193 -27.65 10.04 -34.72
CA VAL D 193 -27.32 10.24 -33.31
C VAL D 193 -26.45 9.09 -32.82
N GLY D 194 -25.55 9.40 -31.90
CA GLY D 194 -24.66 8.43 -31.30
C GLY D 194 -23.30 9.03 -31.07
N THR D 195 -22.34 8.18 -30.71
CA THR D 195 -20.96 8.57 -30.48
C THR D 195 -20.10 8.05 -31.62
N THR D 196 -19.46 8.98 -32.34
CA THR D 196 -18.79 8.63 -33.60
C THR D 196 -17.75 7.53 -33.41
N ALA D 197 -17.02 7.56 -32.30
CA ALA D 197 -15.95 6.59 -32.09
C ALA D 197 -16.47 5.16 -31.93
N TYR D 198 -17.74 5.00 -31.56
CA TYR D 198 -18.31 3.67 -31.36
C TYR D 198 -19.24 3.22 -32.48
N MET D 199 -19.63 4.12 -33.39
CA MET D 199 -20.73 3.83 -34.31
C MET D 199 -20.28 3.03 -35.52
N ALA D 200 -21.18 2.21 -36.05
CA ALA D 200 -20.85 1.45 -37.25
C ALA D 200 -20.90 2.37 -38.47
N PRO D 201 -20.30 1.97 -39.59
CA PRO D 201 -20.37 2.82 -40.79
C PRO D 201 -21.78 3.04 -41.27
N GLU D 202 -22.62 2.00 -41.28
CA GLU D 202 -24.00 2.17 -41.70
C GLU D 202 -24.77 3.07 -40.74
N ALA D 203 -24.41 3.05 -39.45
CA ALA D 203 -25.04 3.94 -38.49
C ALA D 203 -24.67 5.40 -38.75
N LEU D 204 -23.41 5.64 -39.15
CA LEU D 204 -23.00 6.98 -39.54
C LEU D 204 -23.64 7.42 -40.84
N ARG D 205 -24.18 6.47 -41.62
CA ARG D 205 -24.90 6.77 -42.85
C ARG D 205 -26.41 6.87 -42.65
N GLY D 206 -26.89 6.74 -41.41
CA GLY D 206 -28.31 6.88 -41.12
C GLY D 206 -29.06 5.58 -40.98
N GLU D 207 -28.41 4.43 -41.12
CA GLU D 207 -29.09 3.16 -40.98
C GLU D 207 -29.32 2.82 -39.52
N ILE D 208 -30.48 2.24 -39.23
CA ILE D 208 -30.86 1.81 -37.89
C ILE D 208 -31.05 0.30 -37.94
N THR D 209 -30.11 -0.44 -37.37
CA THR D 209 -30.12 -1.89 -37.39
C THR D 209 -29.51 -2.42 -36.12
N PRO D 210 -30.00 -3.55 -35.60
CA PRO D 210 -29.36 -4.17 -34.43
C PRO D 210 -27.94 -4.62 -34.68
N LYS D 211 -27.52 -4.74 -35.95
CA LYS D 211 -26.14 -5.07 -36.26
C LYS D 211 -25.17 -3.95 -35.91
N SER D 212 -25.67 -2.71 -35.85
CA SER D 212 -24.81 -1.60 -35.43
C SER D 212 -24.50 -1.66 -33.95
N ASP D 213 -25.39 -2.25 -33.15
CA ASP D 213 -25.09 -2.44 -31.73
C ASP D 213 -23.93 -3.42 -31.55
N ILE D 214 -23.80 -4.39 -32.45
CA ILE D 214 -22.73 -5.36 -32.35
C ILE D 214 -21.38 -4.70 -32.66
N TYR D 215 -21.36 -3.82 -33.67
CA TYR D 215 -20.13 -3.10 -33.97
C TYR D 215 -19.69 -2.23 -32.79
N SER D 216 -20.63 -1.55 -32.15
CA SER D 216 -20.29 -0.74 -30.99
C SER D 216 -19.77 -1.61 -29.85
N PHE D 217 -20.31 -2.81 -29.69
CA PHE D 217 -19.83 -3.72 -28.66
C PHE D 217 -18.42 -4.21 -28.98
N GLY D 218 -18.08 -4.35 -30.26
CA GLY D 218 -16.71 -4.69 -30.62
C GLY D 218 -15.73 -3.63 -30.18
N VAL D 219 -16.10 -2.35 -30.30
CA VAL D 219 -15.24 -1.27 -29.84
C VAL D 219 -15.08 -1.33 -28.32
N VAL D 220 -16.16 -1.68 -27.61
CA VAL D 220 -16.09 -1.80 -26.16
C VAL D 220 -15.13 -2.91 -25.77
N LEU D 221 -15.17 -4.03 -26.49
CA LEU D 221 -14.23 -5.11 -26.22
C LEU D 221 -12.79 -4.67 -26.44
N LEU D 222 -12.56 -3.76 -27.39
CA LEU D 222 -11.21 -3.23 -27.59
C LEU D 222 -10.82 -2.30 -26.44
N GLU D 223 -11.78 -1.53 -25.93
CA GLU D 223 -11.51 -0.70 -24.76
C GLU D 223 -11.21 -1.56 -23.53
N ILE D 224 -11.85 -2.71 -23.43
CA ILE D 224 -11.65 -3.58 -22.28
C ILE D 224 -10.27 -4.22 -22.32
N ILE D 225 -9.83 -4.66 -23.51
CA ILE D 225 -8.52 -5.28 -23.63
C ILE D 225 -7.41 -4.26 -23.41
N THR D 226 -7.54 -3.09 -24.04
CA THR D 226 -6.47 -2.09 -24.04
C THR D 226 -6.54 -1.13 -22.88
N GLY D 227 -7.71 -0.94 -22.27
CA GLY D 227 -7.86 0.10 -21.28
C GLY D 227 -7.84 1.50 -21.82
N LEU D 228 -7.87 1.66 -23.14
CA LEU D 228 -7.80 2.93 -23.84
C LEU D 228 -9.20 3.40 -24.24
N PRO D 229 -9.48 4.69 -24.11
CA PRO D 229 -10.78 5.21 -24.60
C PRO D 229 -10.88 5.09 -26.10
N ALA D 230 -12.12 4.95 -26.58
CA ALA D 230 -12.36 4.74 -28.01
C ALA D 230 -11.81 5.88 -28.85
N VAL D 231 -11.82 7.09 -28.33
CA VAL D 231 -11.24 8.25 -29.01
C VAL D 231 -10.41 9.03 -28.00
N ASP D 232 -9.27 9.54 -28.46
CA ASP D 232 -8.40 10.38 -27.63
C ASP D 232 -7.68 11.34 -28.57
N GLU D 233 -8.09 12.60 -28.54
CA GLU D 233 -7.54 13.60 -29.45
C GLU D 233 -6.04 13.81 -29.24
N HIS D 234 -5.51 13.43 -28.08
CA HIS D 234 -4.09 13.55 -27.79
C HIS D 234 -3.36 12.22 -27.89
N ARG D 235 -3.95 11.24 -28.56
CA ARG D 235 -3.35 9.94 -28.77
C ARG D 235 -3.14 9.70 -30.26
N GLU D 236 -2.10 8.96 -30.60
CA GLU D 236 -1.85 8.54 -31.98
C GLU D 236 -1.79 7.03 -32.04
N PRO D 237 -2.73 6.35 -32.70
CA PRO D 237 -3.87 6.90 -33.44
C PRO D 237 -4.97 7.41 -32.52
N GLN D 238 -5.78 8.36 -32.99
CA GLN D 238 -6.82 8.93 -32.15
C GLN D 238 -7.99 7.96 -31.97
N LEU D 239 -8.29 7.16 -32.97
CA LEU D 239 -9.40 6.21 -32.92
C LEU D 239 -8.88 4.82 -32.57
N LEU D 240 -9.54 4.16 -31.61
CA LEU D 240 -9.09 2.85 -31.16
C LEU D 240 -9.28 1.79 -32.25
N LEU D 241 -10.30 1.94 -33.11
CA LEU D 241 -10.52 0.94 -34.14
C LEU D 241 -9.42 0.92 -35.19
N ASP D 242 -8.55 1.92 -35.23
CA ASP D 242 -7.37 1.86 -36.08
C ASP D 242 -6.38 0.82 -35.58
N ILE D 243 -6.46 0.44 -34.31
CA ILE D 243 -5.62 -0.63 -33.78
C ILE D 243 -5.89 -1.93 -34.53
N LYS D 244 -7.16 -2.17 -34.88
CA LYS D 244 -7.51 -3.36 -35.65
C LYS D 244 -6.74 -3.40 -36.96
N GLU D 245 -6.76 -2.31 -37.73
CA GLU D 245 -6.05 -2.28 -39.00
C GLU D 245 -4.55 -2.51 -38.80
N GLU D 246 -3.98 -1.97 -37.73
CA GLU D 246 -2.56 -2.17 -37.46
C GLU D 246 -2.23 -3.58 -37.02
N ILE D 247 -3.23 -4.41 -36.74
CA ILE D 247 -3.02 -5.82 -36.44
C ILE D 247 -3.24 -6.69 -37.67
N GLU D 248 -4.23 -6.35 -38.50
CA GLU D 248 -4.53 -7.16 -39.67
C GLU D 248 -3.43 -7.05 -40.72
N ASP D 249 -2.72 -5.93 -40.78
CA ASP D 249 -1.59 -5.79 -41.71
C ASP D 249 -0.31 -6.42 -41.19
N GLU D 250 -0.40 -7.23 -40.12
CA GLU D 250 0.72 -7.92 -39.51
C GLU D 250 1.79 -6.97 -38.97
N GLU D 251 1.40 -5.72 -38.69
CA GLU D 251 2.35 -4.79 -38.09
C GLU D 251 2.44 -4.97 -36.59
N LYS D 252 1.30 -5.23 -35.94
CA LYS D 252 1.25 -5.40 -34.49
C LYS D 252 0.42 -6.63 -34.15
N THR D 253 0.48 -7.01 -32.88
CA THR D 253 -0.38 -8.04 -32.31
C THR D 253 -1.24 -7.41 -31.22
N ILE D 254 -2.31 -8.10 -30.85
CA ILE D 254 -3.14 -7.62 -29.75
C ILE D 254 -2.37 -7.62 -28.44
N GLU D 255 -1.34 -8.47 -28.32
CA GLU D 255 -0.52 -8.48 -27.11
C GLU D 255 0.20 -7.15 -26.90
N ASP D 256 0.53 -6.44 -27.99
CA ASP D 256 1.21 -5.16 -27.86
C ASP D 256 0.31 -4.08 -27.29
N TYR D 257 -1.00 -4.27 -27.30
CA TYR D 257 -1.95 -3.27 -26.83
C TYR D 257 -2.64 -3.64 -25.53
N ILE D 258 -2.34 -4.81 -24.97
CA ILE D 258 -2.98 -5.24 -23.73
C ILE D 258 -2.73 -4.21 -22.63
N ASP D 259 -3.77 -3.90 -21.87
CA ASP D 259 -3.66 -2.95 -20.76
C ASP D 259 -2.60 -3.42 -19.78
N LYS D 260 -1.59 -2.58 -19.57
CA LYS D 260 -0.51 -2.90 -18.64
C LYS D 260 -0.95 -2.78 -17.18
N LYS D 261 -2.10 -2.18 -16.91
CA LYS D 261 -2.64 -2.04 -15.56
C LYS D 261 -3.33 -3.32 -15.07
N MET D 262 -3.06 -4.46 -15.69
CA MET D 262 -3.50 -5.76 -15.21
C MET D 262 -2.28 -6.63 -14.98
N ASN D 263 -2.46 -7.66 -14.14
CA ASN D 263 -1.42 -8.66 -13.93
C ASN D 263 -1.91 -10.08 -14.18
N ASP D 264 -3.20 -10.27 -14.50
CA ASP D 264 -3.79 -11.60 -14.64
C ASP D 264 -4.26 -11.87 -16.06
N ALA D 265 -3.80 -11.10 -17.03
CA ALA D 265 -4.16 -11.35 -18.42
C ALA D 265 -3.30 -12.46 -18.99
N ASP D 266 -3.94 -13.37 -19.73
CA ASP D 266 -3.24 -14.40 -20.49
C ASP D 266 -3.53 -14.22 -21.96
N SER D 267 -2.56 -14.57 -22.80
CA SER D 267 -2.69 -14.33 -24.23
C SER D 267 -3.82 -15.16 -24.84
N THR D 268 -4.09 -16.34 -24.29
CA THR D 268 -5.14 -17.19 -24.85
C THR D 268 -6.52 -16.55 -24.71
N SER D 269 -6.82 -16.03 -23.51
CA SER D 269 -8.13 -15.41 -23.29
C SER D 269 -8.23 -14.06 -23.99
N VAL D 270 -7.13 -13.30 -24.02
CA VAL D 270 -7.15 -11.99 -24.66
C VAL D 270 -7.38 -12.14 -26.17
N GLU D 271 -6.65 -13.08 -26.80
CA GLU D 271 -6.85 -13.32 -28.22
C GLU D 271 -8.24 -13.87 -28.52
N ALA D 272 -8.82 -14.61 -27.57
CA ALA D 272 -10.18 -15.10 -27.76
C ALA D 272 -11.18 -13.95 -27.76
N MET D 273 -10.99 -12.95 -26.90
CA MET D 273 -11.90 -11.81 -26.89
C MET D 273 -11.64 -10.89 -28.09
N TYR D 274 -10.37 -10.72 -28.48
CA TYR D 274 -10.08 -9.90 -29.65
C TYR D 274 -10.67 -10.50 -30.91
N SER D 275 -10.67 -11.84 -31.01
CA SER D 275 -11.32 -12.49 -32.15
C SER D 275 -12.80 -12.16 -32.22
N VAL D 276 -13.48 -12.16 -31.06
CA VAL D 276 -14.87 -11.76 -31.02
C VAL D 276 -15.03 -10.31 -31.45
N ALA D 277 -14.15 -9.43 -30.94
CA ALA D 277 -14.22 -8.03 -31.31
C ALA D 277 -13.96 -7.83 -32.79
N SER D 278 -13.05 -8.62 -33.36
CA SER D 278 -12.76 -8.51 -34.79
C SER D 278 -13.97 -8.91 -35.63
N GLN D 279 -14.70 -9.94 -35.20
CA GLN D 279 -15.91 -10.33 -35.91
C GLN D 279 -16.99 -9.27 -35.78
N CYS D 280 -17.10 -8.64 -34.60
CA CYS D 280 -18.08 -7.58 -34.39
C CYS D 280 -17.75 -6.34 -35.20
N LEU D 281 -16.47 -6.14 -35.53
CA LEU D 281 -16.02 -4.93 -36.20
C LEU D 281 -15.90 -5.10 -37.72
N HIS D 282 -16.54 -6.13 -38.28
CA HIS D 282 -16.67 -6.23 -39.72
C HIS D 282 -17.37 -5.00 -40.25
N GLU D 283 -16.75 -4.33 -41.22
CA GLU D 283 -17.34 -3.11 -41.77
C GLU D 283 -18.64 -3.41 -42.52
N LYS D 284 -18.79 -4.63 -43.06
CA LYS D 284 -20.02 -5.05 -43.70
C LYS D 284 -20.92 -5.68 -42.64
N LYS D 285 -22.11 -5.09 -42.47
CA LYS D 285 -22.95 -5.46 -41.34
C LYS D 285 -23.28 -6.95 -41.31
N ASN D 286 -23.58 -7.53 -42.49
CA ASN D 286 -24.05 -8.90 -42.54
C ASN D 286 -22.96 -9.92 -42.26
N LYS D 287 -21.69 -9.51 -42.26
CA LYS D 287 -20.60 -10.41 -41.89
C LYS D 287 -20.41 -10.50 -40.39
N ARG D 288 -21.04 -9.62 -39.61
CA ARG D 288 -20.91 -9.64 -38.16
C ARG D 288 -21.77 -10.73 -37.56
N PRO D 289 -21.39 -11.26 -36.40
CA PRO D 289 -22.27 -12.19 -35.69
C PRO D 289 -23.38 -11.44 -34.97
N ASP D 290 -24.45 -12.17 -34.67
CA ASP D 290 -25.49 -11.58 -33.82
C ASP D 290 -25.07 -11.72 -32.36
N ILE D 291 -25.88 -11.14 -31.47
CA ILE D 291 -25.51 -11.07 -30.06
C ILE D 291 -25.50 -12.46 -29.42
N LYS D 292 -26.26 -13.41 -29.96
CA LYS D 292 -26.27 -14.75 -29.39
C LYS D 292 -24.97 -15.50 -29.70
N LYS D 293 -24.38 -15.28 -30.87
CA LYS D 293 -23.06 -15.84 -31.14
C LYS D 293 -22.00 -15.16 -30.29
N VAL D 294 -22.09 -13.82 -30.16
CA VAL D 294 -21.16 -13.09 -29.31
C VAL D 294 -21.23 -13.61 -27.87
N GLN D 295 -22.43 -14.00 -27.43
CA GLN D 295 -22.58 -14.60 -26.11
C GLN D 295 -21.87 -15.94 -26.03
N GLN D 296 -22.07 -16.80 -27.02
CA GLN D 296 -21.46 -18.12 -27.02
C GLN D 296 -19.94 -18.02 -27.04
N LEU D 297 -19.40 -17.15 -27.90
CA LEU D 297 -17.95 -17.01 -28.00
C LEU D 297 -17.35 -16.45 -26.71
N LEU D 298 -18.05 -15.51 -26.07
CA LEU D 298 -17.55 -14.96 -24.81
C LEU D 298 -17.60 -15.99 -23.70
N GLN D 299 -18.62 -16.86 -23.71
CA GLN D 299 -18.70 -17.91 -22.69
C GLN D 299 -17.65 -18.98 -22.92
N GLU D 300 -17.38 -19.33 -24.18
CA GLU D 300 -16.32 -20.28 -24.49
C GLU D 300 -14.96 -19.74 -24.10
N MET D 301 -14.80 -18.41 -24.14
CA MET D 301 -13.52 -17.80 -23.76
C MET D 301 -13.16 -18.11 -22.31
N THR D 302 -14.16 -18.30 -21.45
CA THR D 302 -13.91 -18.70 -20.06
C THR D 302 -14.40 -20.11 -19.82
C10 A1BWZ E . -11.11 -18.64 2.76
C15 A1BWZ E . -4.03 -13.74 0.12
C17 A1BWZ E . -6.04 -14.71 0.80
C22 A1BWZ E . -0.35 -11.71 0.75
C24 A1BWZ E . 1.26 -10.01 1.88
C26 A1BWZ E . 1.92 -9.76 0.51
C01 A1BWZ E . -7.42 -15.18 0.42
C02 A1BWZ E . -8.16 -14.78 -0.70
C03 A1BWZ E . -9.40 -15.39 -0.73
C04 A1BWZ E . -9.47 -16.21 0.42
C06 A1BWZ E . -10.43 -17.07 0.98
C07 A1BWZ E . -10.14 -17.73 2.17
C08 A1BWZ E . -8.91 -17.52 2.77
C12 A1BWZ E . -2.09 -13.27 1.64
C14 A1BWZ E . -3.49 -13.80 1.42
C18 A1BWZ E . -5.57 -14.80 2.12
C19 A1BWZ E . -4.28 -14.35 2.45
C23 A1BWZ E . -0.20 -10.54 1.75
C27 A1BWZ E . 1.31 -8.73 2.74
C29 A1BWZ E . -4.57 -14.91 4.91
C30 A1BWZ E . -3.99 -14.45 6.25
C31 A1BWZ E . -4.70 -16.37 4.88
F25 A1BWZ E . -0.70 -10.86 2.96
N05 A1BWZ E . -8.25 -16.07 1.12
N09 A1BWZ E . -7.95 -16.70 2.28
N11 A1BWZ E . -11.90 -19.34 3.22
N16 A1BWZ E . -5.27 -14.18 -0.19
N20 A1BWZ E . -3.79 -14.43 3.76
N21 A1BWZ E . -1.66 -12.36 0.75
N32 A1BWZ E . -4.79 -17.52 4.86
O13 A1BWZ E . -1.42 -13.66 2.61
O28 A1BWZ E . 2.03 -10.99 2.56
S SO4 F . -25.83 -5.60 28.45
O1 SO4 F . -26.65 -6.13 27.36
O2 SO4 F . -24.43 -5.83 28.16
O3 SO4 F . -26.07 -4.17 28.58
O4 SO4 F . -26.19 -6.27 29.70
C10 A1BWZ G . 20.12 12.85 24.88
C15 A1BWZ G . 15.05 13.25 17.44
C17 A1BWZ G . 16.56 12.95 19.20
C22 A1BWZ G . 11.58 12.06 15.17
C24 A1BWZ G . 10.00 10.39 13.94
C26 A1BWZ G . 9.89 11.42 12.79
C01 A1BWZ G . 17.93 13.21 19.78
C02 A1BWZ G . 19.06 13.66 19.07
C03 A1BWZ G . 20.15 13.79 19.90
C04 A1BWZ G . 19.72 13.44 21.19
C06 A1BWZ G . 20.31 13.36 22.46
C07 A1BWZ G . 19.54 12.95 23.55
C08 A1BWZ G . 18.21 12.62 23.35
C12 A1BWZ G . 12.74 12.23 17.37
C14 A1BWZ G . 14.07 12.45 18.05
C18 A1BWZ G . 15.64 12.13 19.86
C19 A1BWZ G . 14.38 11.88 19.30
C23 A1BWZ G . 11.28 10.59 14.80
C27 A1BWZ G . 9.91 8.96 13.37
C29 A1BWZ G . 13.68 10.30 21.17
C30 A1BWZ G . 12.67 9.14 21.36
C31 A1BWZ G . 13.66 11.19 22.35
F25 A1BWZ G . 11.26 9.81 15.89
N05 A1BWZ G . 18.35 13.08 21.10
N09 A1BWZ G . 17.59 12.68 22.15
N11 A1BWZ G . 20.59 12.77 25.94
N16 A1BWZ G . 16.27 13.48 17.99
N20 A1BWZ G . 13.41 11.07 19.96
N21 A1BWZ G . 12.75 12.26 16.02
N32 A1BWZ G . 13.65 11.89 23.27
O13 A1BWZ G . 11.72 12.03 18.03
O28 A1BWZ G . 8.86 10.56 14.77
S SO4 H . 14.68 -20.09 8.14
O1 SO4 H . 14.37 -19.12 9.19
O2 SO4 H . 13.96 -19.71 6.92
O3 SO4 H . 16.11 -20.10 7.88
O4 SO4 H . 14.25 -21.42 8.54
S SO4 I . 26.08 -17.46 34.19
O1 SO4 I . 25.42 -17.36 32.89
O2 SO4 I . 26.71 -18.78 34.31
O3 SO4 I . 27.10 -16.43 34.29
O4 SO4 I . 25.10 -17.29 35.25
C10 A1BWZ J . 19.56 0.12 -9.83
C15 A1BWZ J . 12.03 -3.89 -6.91
C17 A1BWZ J . 13.95 -2.70 -7.48
C22 A1BWZ J . 7.99 -5.11 -7.32
C24 A1BWZ J . 5.43 -4.67 -7.50
C26 A1BWZ J . 5.18 -5.78 -6.46
C01 A1BWZ J . 15.32 -2.20 -7.08
C02 A1BWZ J . 15.84 -2.19 -5.80
C03 A1BWZ J . 17.11 -1.65 -5.78
C04 A1BWZ J . 17.41 -1.29 -7.10
C06 A1BWZ J . 18.50 -0.70 -7.76
C07 A1BWZ J . 18.44 -0.48 -9.14
C08 A1BWZ J . 17.29 -0.85 -9.83
C12 A1BWZ J . 10.02 -4.15 -8.39
C14 A1BWZ J . 11.40 -3.60 -8.12
C18 A1BWZ J . 13.38 -2.34 -8.71
C19 A1BWZ J . 12.10 -2.80 -9.06
C23 A1BWZ J . 6.85 -4.06 -7.39
C27 A1BWZ J . 4.35 -3.58 -7.38
C29 A1BWZ J . 12.08 -1.48 -11.22
C30 A1BWZ J . 11.03 -0.86 -12.15
C31 A1BWZ J . 13.16 -2.12 -11.99
F25 A1BWZ J . 7.08 -3.19 -8.39
N05 A1BWZ J . 16.29 -1.63 -7.91
N09 A1BWZ J . 16.22 -1.42 -9.25
N11 A1BWZ J . 20.46 0.61 -10.37
N16 A1BWZ J . 13.28 -3.45 -6.59
N20 A1BWZ J . 11.51 -2.46 -10.30
N21 A1BWZ J . 9.33 -4.54 -7.31
N32 A1BWZ J . 14.01 -2.61 -12.61
O13 A1BWZ J . 9.58 -4.22 -9.55
O28 A1BWZ J . 5.29 -5.25 -8.78
S SO4 K . 14.03 30.75 -18.55
O1 SO4 K . 12.79 30.09 -18.15
O2 SO4 K . 15.16 29.87 -18.32
O3 SO4 K . 13.97 31.09 -19.97
O4 SO4 K . 14.18 31.98 -17.77
C10 A1BWZ L . -29.00 6.73 -17.44
C15 A1BWZ L . -23.76 5.92 -10.15
C17 A1BWZ L . -25.08 5.81 -12.06
C22 A1BWZ L . -20.00 6.37 -8.10
C24 A1BWZ L . -17.48 5.97 -7.61
C26 A1BWZ L . -17.84 5.73 -6.12
C01 A1BWZ L . -26.38 5.37 -12.71
C02 A1BWZ L . -27.27 4.43 -12.21
C03 A1BWZ L . -28.35 4.25 -13.06
C04 A1BWZ L . -28.15 5.12 -14.15
C06 A1BWZ L . -28.84 5.43 -15.33
C07 A1BWZ L . -28.31 6.39 -16.20
C08 A1BWZ L . -27.11 7.00 -15.88
C12 A1BWZ L . -21.46 6.94 -10.05
C14 A1BWZ L . -22.71 6.56 -10.81
C18 A1BWZ L . -24.09 6.45 -12.80
C19 A1BWZ L . -22.88 6.84 -12.19
C23 A1BWZ L . -18.69 5.69 -8.56
C27 A1BWZ L . -16.25 5.12 -7.99
C29 A1BWZ L . -21.98 7.77 -14.35
C30 A1BWZ L . -20.62 8.04 -15.02
C31 A1BWZ L . -22.90 8.91 -14.56
F25 A1BWZ L . -18.40 6.01 -9.82
N05 A1BWZ L . -26.93 5.81 -13.92
N09 A1BWZ L . -26.40 6.74 -14.76
N11 A1BWZ L . -29.54 7.02 -18.41
N16 A1BWZ L . -24.92 5.55 -10.74
N20 A1BWZ L . -21.87 7.49 -12.92
N21 A1BWZ L . -21.16 6.17 -8.99
N32 A1BWZ L . -23.62 9.80 -14.72
O13 A1BWZ L . -20.77 7.90 -10.40
O28 A1BWZ L . -17.11 7.32 -7.74
S SO4 M . 0.66 -16.03 -21.71
O1 SO4 M . -0.57 -16.77 -21.94
O2 SO4 M . 1.51 -16.12 -22.90
O3 SO4 M . 0.36 -14.63 -21.44
O4 SO4 M . 1.37 -16.60 -20.57
S SO4 N . -15.26 -6.38 -43.68
O1 SO4 N . -15.25 -7.75 -44.17
O2 SO4 N . -14.45 -6.29 -42.47
O3 SO4 N . -14.73 -5.48 -44.70
O4 SO4 N . -16.64 -6.00 -43.37
S SO4 O . -47.00 4.57 -7.22
O1 SO4 O . -47.41 3.84 -8.41
O2 SO4 O . -46.03 3.77 -6.46
O3 SO4 O . -46.38 5.83 -7.61
O4 SO4 O . -48.16 4.84 -6.39
#